data_8TVH
#
_entry.id   8TVH
#
loop_
_entity.id
_entity.type
_entity.pdbx_description
1 polymer '4G5 light chain'
2 polymer '4G5 heavy chain'
3 polymer 'Fusion glycoprotein'
4 non-polymer 2-acetamido-2-deoxy-beta-D-glucopyranose
#
loop_
_entity_poly.entity_id
_entity_poly.type
_entity_poly.pdbx_seq_one_letter_code
_entity_poly.pdbx_strand_id
1 'polypeptide(L)'
;DIQMTQSPASLSASVGETVTITCRASGNIHNYLAWYQQKQGKSPQLLVYSAKTLADGVPSRFSGSGSGTQYSLKINSLQP
EDFGSYYCQHFWSSPRTFGGGTKLEIK
;
E,D,H
2 'polypeptide(L)'
;EVQLQQSGADLVKPGASVKLSCTASGFNIKDTYIHWVKQRPEQGLEWIGRIDPANDNFKYDPKFQGKATITTDTSSNTAY
LQLSSLTSEDTAVYYCASVITTTGYALDYWGQGTSVTVSS
;
G,F,I
3 'polypeptide(L)'
;MAFLKSAIICYLLFYPHIVKSSLHYDSLSKVGIIKGLTYNYKIKGSPSTKLMVVKLIPNIDGVRNCTQKQFDEYKNLVKN
VLEPVKLALNAMLDNVKSGNNKYRFAGAIMAGVALGVATAATVTAGIALHRSNENAQAIANMKNAIQNTNEAVKQLQLAN
KQTLAVIDTIRGEINNNIIPVINQLSCDTIGLSVGIKLTQYYSEILTAFGPALQNPVNTRITIQAISSVFNRNFDELLKI
MGYTSGDLYEILHSGLIRGNIIDVDVEAGYIALEIEFPNLTLVPNAVVQELMPISYNVDGDEWVTLVPRFVLTRTTLLSN
IDTSRCTVTESSVICDNDYALPMSYELIGCLQGDTSKCAREKVVSSYVPRFALSDGLVYANCLNTICRCMDTDTPISQSL
GTTVSLLDNKKCLVYQVGDILISVGSYLGEGEYSADNVELGPPVVIDKIDIGNQLAGINQTLQNAEDYIEKSEEFLKGIN
PSMKQIEDKIEEILSKIYHIENEIARIKKLIGEAPGGSIEGRGSGGGSHHHHHH
;
A,B,C
#
loop_
_chem_comp.id
_chem_comp.type
_chem_comp.name
_chem_comp.formula
NAG D-saccharide, beta linking 2-acetamido-2-deoxy-beta-D-glucopyranose 'C8 H15 N O6'
#
# COMPACT_ATOMS: atom_id res chain seq x y z
N ASP A 1 -23.54 -12.89 -4.80
CA ASP A 1 -22.48 -13.17 -5.77
C ASP A 1 -22.76 -12.39 -7.06
N ILE A 2 -21.83 -12.48 -8.04
CA ILE A 2 -21.99 -11.86 -9.37
C ILE A 2 -22.14 -12.92 -10.43
N GLN A 3 -23.29 -12.93 -11.08
CA GLN A 3 -23.59 -13.90 -12.13
C GLN A 3 -23.52 -13.29 -13.50
N MET A 4 -23.23 -14.11 -14.50
CA MET A 4 -23.20 -13.62 -15.87
C MET A 4 -24.36 -14.13 -16.70
N THR A 5 -24.96 -13.25 -17.46
CA THR A 5 -26.02 -13.61 -18.38
C THR A 5 -25.52 -13.50 -19.81
N GLN A 6 -25.59 -14.60 -20.51
CA GLN A 6 -25.19 -14.62 -21.90
C GLN A 6 -26.50 -14.57 -22.66
N SER A 7 -26.81 -13.46 -23.31
CA SER A 7 -28.17 -13.37 -23.81
C SER A 7 -28.50 -14.28 -25.00
N PRO A 8 -27.76 -14.31 -26.10
CA PRO A 8 -28.08 -15.10 -27.27
C PRO A 8 -27.87 -16.57 -26.92
N ALA A 9 -28.86 -17.41 -27.16
CA ALA A 9 -28.66 -18.82 -26.87
C ALA A 9 -27.93 -19.45 -28.04
N SER A 10 -28.30 -19.01 -29.23
CA SER A 10 -27.76 -19.54 -30.45
C SER A 10 -27.88 -18.54 -31.57
N LEU A 11 -26.83 -18.45 -32.37
CA LEU A 11 -26.78 -17.57 -33.52
C LEU A 11 -26.63 -18.39 -34.79
N SER A 12 -27.17 -17.89 -35.89
CA SER A 12 -27.02 -18.55 -37.16
C SER A 12 -26.62 -17.57 -38.23
N ALA A 13 -25.49 -17.84 -38.88
CA ALA A 13 -24.98 -16.90 -39.87
C ALA A 13 -24.19 -17.63 -40.94
N SER A 14 -24.12 -17.03 -42.12
CA SER A 14 -23.30 -17.56 -43.20
C SER A 14 -21.89 -16.99 -43.12
N VAL A 15 -20.99 -17.56 -43.90
CA VAL A 15 -19.61 -17.10 -43.93
C VAL A 15 -19.54 -15.71 -44.57
N GLY A 16 -18.82 -14.80 -43.92
CA GLY A 16 -18.67 -13.42 -44.36
C GLY A 16 -19.58 -12.45 -43.59
N GLU A 17 -20.53 -13.00 -42.82
CA GLU A 17 -21.46 -12.19 -42.04
C GLU A 17 -20.84 -11.66 -40.76
N THR A 18 -21.45 -10.60 -40.22
CA THR A 18 -21.00 -10.04 -38.95
C THR A 18 -22.04 -10.31 -37.88
N VAL A 19 -21.57 -10.83 -36.75
CA VAL A 19 -22.46 -11.15 -35.64
C VAL A 19 -21.95 -10.55 -34.34
N THR A 20 -22.83 -10.46 -33.36
CA THR A 20 -22.40 -10.00 -32.06
C THR A 20 -22.95 -10.89 -30.96
N ILE A 21 -22.22 -10.96 -29.85
CA ILE A 21 -22.64 -11.71 -28.67
C ILE A 21 -22.61 -10.78 -27.47
N THR A 22 -23.73 -10.68 -26.76
CA THR A 22 -23.78 -9.77 -25.62
C THR A 22 -23.83 -10.54 -24.28
N CYS A 23 -23.20 -9.96 -23.24
CA CYS A 23 -23.09 -10.55 -21.90
C CYS A 23 -23.29 -9.45 -20.84
N ARG A 24 -24.18 -9.74 -19.87
CA ARG A 24 -24.48 -8.76 -18.81
C ARG A 24 -24.18 -9.30 -17.42
N ALA A 25 -23.83 -8.40 -16.52
CA ALA A 25 -23.53 -8.80 -15.15
C ALA A 25 -24.62 -8.42 -14.18
N SER A 26 -24.74 -9.22 -13.12
CA SER A 26 -25.63 -8.91 -12.01
C SER A 26 -25.01 -7.91 -11.04
N GLY A 27 -23.76 -7.53 -11.30
CA GLY A 27 -23.05 -6.59 -10.45
C GLY A 27 -21.86 -5.98 -11.18
N ASN A 28 -21.18 -5.05 -10.51
CA ASN A 28 -20.05 -4.32 -11.10
C ASN A 28 -18.78 -5.16 -11.10
N ILE A 29 -18.25 -5.43 -12.29
CA ILE A 29 -17.08 -6.29 -12.47
C ILE A 29 -15.77 -5.51 -12.58
N HIS A 30 -15.85 -4.19 -12.65
CA HIS A 30 -14.66 -3.36 -12.77
C HIS A 30 -13.81 -3.74 -13.97
N ASN A 31 -14.47 -4.09 -15.07
CA ASN A 31 -13.85 -4.44 -16.35
C ASN A 31 -13.01 -5.72 -16.35
N TYR A 32 -13.09 -6.52 -15.31
CA TYR A 32 -12.38 -7.81 -15.31
C TYR A 32 -13.22 -8.89 -15.97
N LEU A 33 -13.47 -8.73 -17.27
CA LEU A 33 -14.25 -9.70 -18.04
C LEU A 33 -13.38 -10.31 -19.13
N ALA A 34 -13.51 -11.63 -19.34
CA ALA A 34 -12.74 -12.28 -20.41
C ALA A 34 -13.64 -13.20 -21.23
N TRP A 35 -13.32 -13.31 -22.52
CA TRP A 35 -14.08 -14.19 -23.42
C TRP A 35 -13.27 -15.38 -23.88
N TYR A 36 -13.94 -16.52 -23.95
CA TYR A 36 -13.38 -17.81 -24.36
C TYR A 36 -14.14 -18.44 -25.51
N GLN A 37 -13.44 -19.28 -26.27
CA GLN A 37 -14.06 -20.03 -27.35
C GLN A 37 -13.75 -21.51 -27.26
N GLN A 38 -14.73 -22.35 -27.56
CA GLN A 38 -14.57 -23.79 -27.54
C GLN A 38 -15.11 -24.43 -28.82
N LYS A 39 -14.41 -25.44 -29.32
CA LYS A 39 -14.84 -26.17 -30.50
C LYS A 39 -15.77 -27.29 -30.06
N GLN A 40 -16.13 -28.17 -30.98
CA GLN A 40 -17.05 -29.25 -30.60
C GLN A 40 -16.41 -30.13 -29.53
N GLY A 41 -15.09 -30.24 -29.57
CA GLY A 41 -14.33 -30.98 -28.59
C GLY A 41 -13.16 -30.12 -28.11
N LYS A 42 -12.19 -30.76 -27.49
CA LYS A 42 -11.00 -30.07 -26.97
C LYS A 42 -11.31 -29.04 -25.88
N SER A 43 -10.26 -28.48 -25.31
CA SER A 43 -10.37 -27.48 -24.27
C SER A 43 -10.73 -26.15 -24.90
N PRO A 44 -11.28 -25.20 -24.16
CA PRO A 44 -11.51 -23.82 -24.56
C PRO A 44 -10.20 -23.04 -24.60
N GLN A 45 -10.20 -21.92 -25.31
CA GLN A 45 -9.04 -21.03 -25.33
C GLN A 45 -9.45 -19.58 -25.18
N LEU A 46 -8.52 -18.77 -24.66
CA LEU A 46 -8.76 -17.35 -24.42
C LEU A 46 -8.68 -16.52 -25.69
N LEU A 47 -9.73 -15.73 -25.94
CA LEU A 47 -9.79 -14.90 -27.18
C LEU A 47 -9.60 -13.41 -26.84
N VAL A 48 -10.34 -12.90 -25.86
CA VAL A 48 -10.25 -11.46 -25.45
C VAL A 48 -10.18 -11.40 -23.92
N TYR A 49 -9.34 -10.53 -23.36
CA TYR A 49 -9.31 -10.38 -21.87
C TYR A 49 -9.51 -8.91 -21.53
N SER A 50 -9.80 -8.60 -20.26
CA SER A 50 -9.98 -7.19 -19.80
C SER A 50 -11.14 -6.50 -20.56
N ALA A 51 -11.91 -7.26 -21.34
CA ALA A 51 -13.09 -6.70 -22.05
C ALA A 51 -12.74 -5.40 -22.76
N LYS A 52 -11.79 -5.43 -23.70
CA LYS A 52 -11.40 -4.22 -24.48
C LYS A 52 -10.06 -4.56 -25.14
N THR A 53 -9.60 -5.80 -25.00
CA THR A 53 -8.32 -6.21 -25.53
C THR A 53 -8.40 -7.45 -26.39
N LEU A 54 -7.26 -7.87 -26.95
CA LEU A 54 -7.20 -9.12 -27.69
C LEU A 54 -6.16 -10.01 -27.03
N ALA A 55 -6.41 -11.31 -27.00
CA ALA A 55 -5.40 -12.24 -26.52
C ALA A 55 -4.37 -12.48 -27.62
N ASP A 56 -3.14 -12.78 -27.23
CA ASP A 56 -2.11 -13.02 -28.23
C ASP A 56 -2.47 -14.12 -29.20
N GLY A 57 -2.27 -13.87 -30.49
CA GLY A 57 -2.51 -14.86 -31.54
C GLY A 57 -3.92 -14.78 -32.13
N VAL A 58 -4.78 -13.98 -31.53
CA VAL A 58 -6.16 -13.86 -31.98
C VAL A 58 -6.28 -12.90 -33.16
N PRO A 59 -6.96 -13.31 -34.26
CA PRO A 59 -7.21 -12.52 -35.45
C PRO A 59 -7.97 -11.24 -35.14
N SER A 60 -7.71 -10.21 -35.95
CA SER A 60 -8.32 -8.89 -35.82
C SER A 60 -9.83 -8.91 -36.03
N ARG A 61 -10.33 -10.05 -36.49
CA ARG A 61 -11.76 -10.27 -36.70
C ARG A 61 -12.50 -10.20 -35.38
N PHE A 62 -11.80 -10.46 -34.28
CA PHE A 62 -12.42 -10.48 -32.96
C PHE A 62 -12.09 -9.21 -32.18
N SER A 63 -13.13 -8.58 -31.65
CA SER A 63 -12.97 -7.37 -30.86
C SER A 63 -14.09 -7.25 -29.85
N GLY A 64 -14.03 -6.27 -28.97
CA GLY A 64 -15.10 -6.08 -28.01
C GLY A 64 -14.91 -4.81 -27.19
N SER A 65 -15.90 -4.52 -26.36
CA SER A 65 -15.92 -3.32 -25.53
C SER A 65 -16.98 -3.42 -24.44
N GLY A 66 -16.99 -2.46 -23.53
CA GLY A 66 -18.05 -2.39 -22.53
C GLY A 66 -17.63 -1.66 -21.26
N SER A 67 -18.58 -1.52 -20.34
CA SER A 67 -18.36 -0.85 -19.05
C SER A 67 -19.46 -1.21 -18.07
N GLY A 68 -19.26 -0.92 -16.79
CA GLY A 68 -20.33 -1.15 -15.84
C GLY A 68 -20.71 -2.61 -15.77
N THR A 69 -21.95 -2.91 -16.13
CA THR A 69 -22.47 -4.26 -16.11
C THR A 69 -22.83 -4.75 -17.52
N GLN A 70 -22.49 -3.95 -18.54
CA GLN A 70 -22.86 -4.25 -19.92
C GLN A 70 -21.65 -4.41 -20.84
N TYR A 71 -21.44 -5.62 -21.35
CA TYR A 71 -20.27 -5.90 -22.19
C TYR A 71 -20.65 -6.66 -23.46
N SER A 72 -19.82 -6.55 -24.51
CA SER A 72 -20.10 -7.27 -25.74
C SER A 72 -18.88 -7.67 -26.55
N LEU A 73 -19.05 -8.72 -27.37
CA LEU A 73 -18.03 -9.20 -28.31
C LEU A 73 -18.56 -9.09 -29.73
N LYS A 74 -17.71 -8.66 -30.65
CA LYS A 74 -18.08 -8.55 -32.06
C LYS A 74 -17.21 -9.46 -32.91
N ILE A 75 -17.81 -10.12 -33.89
CA ILE A 75 -17.04 -10.93 -34.81
C ILE A 75 -17.28 -10.46 -36.24
N ASN A 76 -16.25 -9.96 -36.88
CA ASN A 76 -16.39 -9.43 -38.23
C ASN A 76 -15.96 -10.46 -39.27
N SER A 77 -16.58 -10.44 -40.44
CA SER A 77 -16.19 -11.29 -41.54
C SER A 77 -16.01 -12.75 -41.14
N LEU A 78 -17.05 -13.37 -40.59
CA LEU A 78 -16.95 -14.73 -40.10
C LEU A 78 -16.39 -15.71 -41.11
N GLN A 79 -15.39 -16.47 -40.65
CA GLN A 79 -14.79 -17.53 -41.46
C GLN A 79 -15.27 -18.87 -40.92
N PRO A 80 -15.22 -19.98 -41.67
CA PRO A 80 -15.66 -21.30 -41.24
C PRO A 80 -15.04 -21.70 -39.90
N GLU A 81 -13.79 -21.28 -39.67
CA GLU A 81 -13.07 -21.62 -38.45
C GLU A 81 -13.57 -20.88 -37.21
N ASP A 82 -14.37 -19.85 -37.41
CA ASP A 82 -14.85 -19.02 -36.32
C ASP A 82 -16.13 -19.56 -35.71
N PHE A 83 -16.68 -20.62 -36.29
CA PHE A 83 -17.94 -21.14 -35.79
C PHE A 83 -17.71 -22.15 -34.68
N GLY A 84 -18.31 -21.86 -33.52
CA GLY A 84 -18.15 -22.66 -32.31
C GLY A 84 -18.89 -22.02 -31.14
N SER A 85 -18.57 -22.44 -29.92
CA SER A 85 -19.25 -21.91 -28.75
C SER A 85 -18.45 -20.81 -28.08
N TYR A 86 -19.13 -19.79 -27.60
CA TYR A 86 -18.45 -18.71 -26.89
C TYR A 86 -18.94 -18.59 -25.47
N TYR A 87 -18.02 -18.25 -24.58
CA TYR A 87 -18.31 -18.07 -23.17
C TYR A 87 -17.74 -16.75 -22.64
N CYS A 88 -18.34 -16.22 -21.59
CA CYS A 88 -17.85 -15.04 -20.87
C CYS A 88 -17.75 -15.37 -19.38
N GLN A 89 -16.70 -14.87 -18.74
CA GLN A 89 -16.57 -15.03 -17.30
C GLN A 89 -15.90 -13.85 -16.67
N HIS A 90 -16.07 -13.69 -15.38
CA HIS A 90 -15.42 -12.55 -14.75
C HIS A 90 -14.37 -13.00 -13.73
N PHE A 91 -13.42 -12.12 -13.49
CA PHE A 91 -12.36 -12.31 -12.49
C PHE A 91 -12.41 -11.36 -11.32
N TRP A 92 -13.61 -10.93 -10.93
CA TRP A 92 -13.72 -10.05 -9.78
C TRP A 92 -14.20 -10.80 -8.54
N SER A 93 -13.43 -10.73 -7.48
CA SER A 93 -13.78 -11.40 -6.23
C SER A 93 -13.98 -12.89 -6.41
N SER A 94 -15.11 -13.42 -5.95
CA SER A 94 -15.39 -14.86 -6.02
C SER A 94 -16.87 -15.15 -5.74
N PRO A 95 -17.45 -16.18 -6.38
CA PRO A 95 -16.93 -17.11 -7.37
C PRO A 95 -16.74 -16.46 -8.74
N ARG A 96 -15.72 -16.90 -9.46
CA ARG A 96 -15.45 -16.42 -10.80
C ARG A 96 -16.18 -17.27 -11.82
N THR A 97 -17.49 -17.06 -11.88
CA THR A 97 -18.36 -17.91 -12.67
C THR A 97 -18.42 -17.53 -14.14
N PHE A 98 -19.13 -18.38 -14.90
CA PHE A 98 -19.30 -18.28 -16.34
C PHE A 98 -20.74 -18.00 -16.72
N GLY A 99 -20.93 -17.40 -17.89
CA GLY A 99 -22.27 -17.24 -18.45
C GLY A 99 -22.70 -18.56 -19.09
N GLY A 100 -23.97 -18.65 -19.49
CA GLY A 100 -24.49 -19.87 -20.10
C GLY A 100 -23.77 -20.25 -21.40
N GLY A 101 -23.37 -19.26 -22.17
CA GLY A 101 -22.67 -19.49 -23.43
C GLY A 101 -23.59 -19.39 -24.65
N THR A 102 -22.99 -19.04 -25.78
CA THR A 102 -23.69 -18.87 -27.06
C THR A 102 -23.14 -19.79 -28.13
N LYS A 103 -24.02 -20.51 -28.83
CA LYS A 103 -23.55 -21.37 -29.91
C LYS A 103 -23.79 -20.75 -31.29
N LEU A 104 -22.70 -20.51 -32.04
CA LEU A 104 -22.81 -19.93 -33.38
C LEU A 104 -22.65 -20.99 -34.47
N GLU A 105 -23.70 -21.21 -35.27
CA GLU A 105 -23.70 -22.22 -36.32
C GLU A 105 -23.63 -21.63 -37.72
N ILE A 106 -23.17 -22.44 -38.67
CA ILE A 106 -23.10 -22.01 -40.07
C ILE A 106 -24.40 -22.33 -40.80
N LYS A 107 -25.09 -21.27 -41.27
CA LYS A 107 -26.37 -21.34 -42.00
C LYS A 107 -26.90 -19.92 -42.20
N ASP B 1 -8.53 25.34 5.35
CA ASP B 1 -7.61 25.22 4.23
C ASP B 1 -6.21 25.71 4.66
N ILE B 2 -5.22 25.61 3.74
CA ILE B 2 -3.86 26.10 3.98
C ILE B 2 -3.55 27.28 3.07
N GLN B 3 -3.31 28.43 3.67
CA GLN B 3 -3.04 29.65 2.93
C GLN B 3 -1.56 30.01 3.01
N MET B 4 -1.10 30.73 2.00
CA MET B 4 0.29 31.16 2.00
C MET B 4 0.43 32.66 2.20
N THR B 5 1.35 33.05 3.05
CA THR B 5 1.65 34.44 3.29
C THR B 5 3.01 34.78 2.70
N GLN B 6 3.02 35.73 1.80
CA GLN B 6 4.24 36.17 1.18
C GLN B 6 4.57 37.46 1.92
N SER B 7 5.59 37.48 2.74
CA SER B 7 5.71 38.65 3.60
C SER B 7 6.14 39.94 2.90
N PRO B 8 7.21 39.99 2.13
CA PRO B 8 7.70 41.21 1.50
C PRO B 8 6.72 41.60 0.40
N ALA B 9 6.24 42.83 0.41
CA ALA B 9 5.33 43.23 -0.66
C ALA B 9 6.16 43.63 -1.87
N SER B 10 7.26 44.29 -1.59
CA SER B 10 8.14 44.80 -2.61
C SER B 10 9.54 44.96 -2.08
N LEU B 11 10.51 44.61 -2.91
CA LEU B 11 11.91 44.73 -2.59
C LEU B 11 12.58 45.68 -3.56
N SER B 12 13.60 46.38 -3.11
CA SER B 12 14.35 47.25 -3.98
C SER B 12 15.83 47.04 -3.80
N ALA B 13 16.52 46.72 -4.89
CA ALA B 13 17.93 46.41 -4.81
C ALA B 13 18.65 46.76 -6.10
N SER B 14 19.95 47.03 -5.99
CA SER B 14 20.76 47.28 -7.17
C SER B 14 21.35 45.96 -7.69
N VAL B 15 21.92 46.01 -8.87
CA VAL B 15 22.53 44.82 -9.45
C VAL B 15 23.78 44.44 -8.67
N GLY B 16 23.89 43.15 -8.35
CA GLY B 16 24.99 42.59 -7.57
C GLY B 16 24.62 42.36 -6.11
N GLU B 17 23.48 42.90 -5.68
CA GLU B 17 23.00 42.76 -4.31
C GLU B 17 22.39 41.40 -4.04
N THR B 18 22.32 41.04 -2.77
CA THR B 18 21.68 39.80 -2.36
C THR B 18 20.38 40.11 -1.61
N VAL B 19 19.32 39.45 -2.02
CA VAL B 19 18.01 39.65 -1.39
C VAL B 19 17.39 38.34 -1.01
N THR B 20 16.40 38.40 -0.13
CA THR B 20 15.66 37.20 0.22
C THR B 20 14.17 37.46 0.21
N ILE B 21 13.40 36.40 -0.06
CA ILE B 21 11.96 36.46 -0.03
C ILE B 21 11.44 35.37 0.90
N THR B 22 10.62 35.73 1.86
CA THR B 22 10.13 34.74 2.82
C THR B 22 8.63 34.46 2.63
N CYS B 23 8.23 33.19 2.86
CA CYS B 23 6.85 32.70 2.69
C CYS B 23 6.48 31.77 3.85
N ARG B 24 5.32 32.02 4.46
CA ARG B 24 4.88 31.21 5.60
C ARG B 24 3.52 30.56 5.35
N ALA B 25 3.32 29.41 5.97
CA ALA B 25 2.08 28.68 5.81
C ALA B 25 1.19 28.76 7.04
N SER B 26 -0.12 28.69 6.79
CA SER B 26 -1.10 28.60 7.87
C SER B 26 -1.22 27.17 8.39
N GLY B 27 -0.51 26.23 7.78
CA GLY B 27 -0.55 24.83 8.16
C GLY B 27 0.67 24.08 7.64
N ASN B 28 0.76 22.80 8.00
CA ASN B 28 1.88 21.95 7.63
C ASN B 28 1.79 21.47 6.19
N ILE B 29 2.77 21.84 5.37
CA ILE B 29 2.76 21.53 3.95
C ILE B 29 3.58 20.29 3.60
N HIS B 30 4.29 19.74 4.56
CA HIS B 30 5.11 18.55 4.34
C HIS B 30 6.12 18.76 3.22
N ASN B 31 6.69 19.96 3.16
CA ASN B 31 7.72 20.36 2.20
C ASN B 31 7.28 20.38 0.73
N TYR B 32 5.98 20.30 0.46
CA TYR B 32 5.53 20.43 -0.92
C TYR B 32 5.30 21.89 -1.30
N LEU B 33 6.39 22.66 -1.32
CA LEU B 33 6.33 24.07 -1.67
C LEU B 33 7.14 24.32 -2.95
N ALA B 34 6.61 25.16 -3.84
CA ALA B 34 7.35 25.49 -5.06
C ALA B 34 7.33 27.00 -5.31
N TRP B 35 8.43 27.50 -5.90
CA TRP B 35 8.52 28.92 -6.23
C TRP B 35 8.50 29.17 -7.73
N TYR B 36 7.80 30.24 -8.11
CA TYR B 36 7.62 30.68 -9.49
C TYR B 36 8.07 32.11 -9.71
N GLN B 37 8.43 32.43 -10.94
CA GLN B 37 8.78 33.79 -11.32
C GLN B 37 8.03 34.25 -12.56
N GLN B 38 7.61 35.50 -12.56
CA GLN B 38 6.91 36.07 -13.70
C GLN B 38 7.49 37.43 -14.09
N LYS B 39 7.57 37.68 -15.39
CA LYS B 39 8.06 38.95 -15.90
C LYS B 39 6.90 39.92 -15.99
N GLN B 40 7.11 41.09 -16.58
CA GLN B 40 6.03 42.06 -16.65
C GLN B 40 4.85 41.49 -17.43
N GLY B 41 5.17 40.64 -18.41
CA GLY B 41 4.17 39.94 -19.21
C GLY B 41 4.50 38.46 -19.26
N LYS B 42 3.92 37.76 -20.21
CA LYS B 42 4.14 36.32 -20.40
C LYS B 42 3.69 35.49 -19.21
N SER B 43 3.76 34.17 -19.37
CA SER B 43 3.38 33.23 -18.33
C SER B 43 4.50 33.15 -17.31
N PRO B 44 4.23 32.69 -16.08
CA PRO B 44 5.21 32.39 -15.05
C PRO B 44 5.97 31.12 -15.38
N GLN B 45 7.12 30.95 -14.77
CA GLN B 45 7.88 29.71 -14.92
C GLN B 45 8.39 29.21 -13.58
N LEU B 46 8.61 27.90 -13.51
CA LEU B 46 9.06 27.25 -12.28
C LEU B 46 10.56 27.44 -12.04
N LEU B 47 10.91 27.93 -10.84
CA LEU B 47 12.33 28.20 -10.50
C LEU B 47 12.86 27.16 -9.50
N VAL B 48 12.13 26.92 -8.41
CA VAL B 48 12.55 25.95 -7.37
C VAL B 48 11.33 25.08 -7.01
N TYR B 49 11.52 23.78 -6.82
CA TYR B 49 10.39 22.91 -6.39
C TYR B 49 10.80 22.15 -5.12
N SER B 50 9.84 21.55 -4.42
CA SER B 50 10.14 20.76 -3.18
C SER B 50 10.82 21.62 -2.11
N ALA B 51 10.89 22.94 -2.31
CA ALA B 51 11.45 23.87 -1.29
C ALA B 51 12.79 23.35 -0.78
N LYS B 52 13.79 23.18 -1.66
CA LYS B 52 15.14 22.71 -1.24
C LYS B 52 15.85 22.27 -2.52
N THR B 53 15.22 22.50 -3.67
CA THR B 53 15.76 22.07 -4.95
C THR B 53 15.83 23.17 -5.97
N LEU B 54 16.35 22.88 -7.15
CA LEU B 54 16.35 23.81 -8.26
C LEU B 54 15.61 23.18 -9.42
N ALA B 55 14.86 23.98 -10.17
CA ALA B 55 14.24 23.48 -11.39
C ALA B 55 15.28 23.44 -12.50
N ASP B 56 15.14 22.51 -13.40
CA ASP B 56 16.10 22.40 -14.49
C ASP B 56 16.23 23.71 -15.26
N GLY B 57 17.48 24.10 -15.52
CA GLY B 57 17.77 25.29 -16.30
C GLY B 57 17.95 26.56 -15.46
N VAL B 58 17.64 26.46 -14.17
CA VAL B 58 17.73 27.60 -13.29
C VAL B 58 19.17 27.85 -12.80
N PRO B 59 19.68 29.08 -12.90
CA PRO B 59 21.00 29.49 -12.46
C PRO B 59 21.21 29.23 -10.97
N SER B 60 22.46 28.97 -10.60
CA SER B 60 22.87 28.69 -9.22
C SER B 60 22.65 29.87 -8.29
N ARG B 61 22.32 31.02 -8.87
CA ARG B 61 22.04 32.24 -8.13
C ARG B 61 20.79 32.05 -7.26
N PHE B 62 19.93 31.11 -7.66
CA PHE B 62 18.67 30.87 -6.95
C PHE B 62 18.76 29.63 -6.08
N SER B 63 18.38 29.76 -4.83
CA SER B 63 18.39 28.65 -3.89
C SER B 63 17.34 28.87 -2.83
N GLY B 64 17.13 27.90 -1.96
CA GLY B 64 16.16 28.05 -0.89
C GLY B 64 16.19 26.88 0.08
N SER B 65 15.40 27.01 1.14
CA SER B 65 15.32 26.01 2.20
C SER B 65 14.11 26.24 3.09
N GLY B 66 13.84 25.32 4.00
CA GLY B 66 12.78 25.51 4.99
C GLY B 66 12.22 24.21 5.52
N SER B 67 11.29 24.33 6.46
CA SER B 67 10.63 23.18 7.09
C SER B 67 9.36 23.63 7.81
N GLY B 68 8.51 22.68 8.18
CA GLY B 68 7.34 23.06 8.96
C GLY B 68 6.44 24.00 8.17
N THR B 69 6.27 25.21 8.71
CA THR B 69 5.44 26.23 8.09
C THR B 69 6.26 27.45 7.66
N GLN B 70 7.58 27.34 7.76
CA GLN B 70 8.48 28.45 7.47
C GLN B 70 9.47 28.15 6.33
N TYR B 71 9.32 28.86 5.21
CA TYR B 71 10.17 28.61 4.04
C TYR B 71 10.73 29.90 3.45
N SER B 72 11.85 29.81 2.74
CA SER B 72 12.43 31.00 2.12
C SER B 72 13.21 30.74 0.83
N LEU B 73 13.30 31.79 0.02
CA LEU B 73 14.08 31.80 -1.22
C LEU B 73 15.18 32.85 -1.12
N LYS B 74 16.37 32.52 -1.61
CA LYS B 74 17.50 33.46 -1.61
C LYS B 74 17.94 33.72 -3.04
N ILE B 75 18.26 34.98 -3.34
CA ILE B 75 18.81 35.29 -4.64
C ILE B 75 20.16 35.98 -4.48
N ASN B 76 21.21 35.34 -4.96
CA ASN B 76 22.55 35.88 -4.82
C ASN B 76 22.99 36.61 -6.08
N SER B 77 23.81 37.65 -5.92
CA SER B 77 24.38 38.36 -7.05
C SER B 77 23.35 38.73 -8.12
N LEU B 78 22.33 39.48 -7.72
CA LEU B 78 21.25 39.83 -8.65
C LEU B 78 21.72 40.41 -9.96
N GLN B 79 21.21 39.86 -11.05
CA GLN B 79 21.50 40.37 -12.39
C GLN B 79 20.24 41.08 -12.90
N PRO B 80 20.32 41.98 -13.88
CA PRO B 80 19.18 42.70 -14.43
C PRO B 80 18.02 41.77 -14.82
N GLU B 81 18.36 40.56 -15.29
CA GLU B 81 17.37 39.59 -15.72
C GLU B 81 16.60 38.94 -14.58
N ASP B 82 17.08 39.10 -13.35
CA ASP B 82 16.48 38.47 -12.19
C ASP B 82 15.38 39.33 -11.59
N PHE B 83 15.19 40.52 -12.11
CA PHE B 83 14.20 41.40 -11.52
C PHE B 83 12.82 41.17 -12.12
N GLY B 84 11.87 40.85 -11.26
CA GLY B 84 10.51 40.50 -11.65
C GLY B 84 9.69 40.11 -10.42
N SER B 85 8.55 39.46 -10.64
CA SER B 85 7.67 39.08 -9.54
C SER B 85 7.89 37.64 -9.15
N TYR B 86 7.85 37.36 -7.86
CA TYR B 86 7.99 36.00 -7.36
C TYR B 86 6.75 35.54 -6.62
N TYR B 87 6.42 34.27 -6.78
CA TYR B 87 5.27 33.66 -6.12
C TYR B 87 5.65 32.35 -5.46
N CYS B 88 4.90 31.97 -4.41
CA CYS B 88 5.04 30.68 -3.73
C CYS B 88 3.67 30.00 -3.68
N GLN B 89 3.67 28.69 -3.88
CA GLN B 89 2.42 27.93 -3.74
C GLN B 89 2.68 26.56 -3.20
N HIS B 90 1.65 25.93 -2.66
CA HIS B 90 1.87 24.59 -2.15
C HIS B 90 1.07 23.55 -2.92
N PHE B 91 1.56 22.31 -2.87
CA PHE B 91 0.92 21.16 -3.48
C PHE B 91 0.42 20.12 -2.49
N TRP B 92 0.00 20.56 -1.29
CA TRP B 92 -0.52 19.62 -0.33
C TRP B 92 -2.04 19.68 -0.26
N SER B 93 -2.68 18.55 -0.46
CA SER B 93 -4.15 18.48 -0.40
C SER B 93 -4.80 19.44 -1.39
N SER B 94 -5.73 20.25 -0.89
CA SER B 94 -6.48 21.18 -1.74
C SER B 94 -7.22 22.23 -0.90
N PRO B 95 -7.37 23.47 -1.39
CA PRO B 95 -6.89 24.05 -2.64
C PRO B 95 -5.40 24.33 -2.62
N ARG B 96 -4.77 24.19 -3.78
CA ARG B 96 -3.35 24.46 -3.94
C ARG B 96 -3.13 25.91 -4.29
N THR B 97 -3.30 26.77 -3.29
CA THR B 97 -3.29 28.20 -3.50
C THR B 97 -1.92 28.81 -3.55
N PHE B 98 -1.90 30.12 -3.85
CA PHE B 98 -0.70 30.93 -4.01
C PHE B 98 -0.61 32.00 -2.95
N GLY B 99 0.61 32.46 -2.66
CA GLY B 99 0.81 33.62 -1.80
C GLY B 99 0.56 34.89 -2.59
N GLY B 100 0.52 36.03 -1.91
CA GLY B 100 0.27 37.31 -2.58
C GLY B 100 1.33 37.66 -3.63
N GLY B 101 2.57 37.29 -3.37
CA GLY B 101 3.67 37.56 -4.29
C GLY B 101 4.48 38.78 -3.90
N THR B 102 5.75 38.79 -4.32
CA THR B 102 6.72 39.85 -4.04
C THR B 102 7.26 40.47 -5.31
N LYS B 103 7.26 41.80 -5.39
CA LYS B 103 7.82 42.44 -6.58
C LYS B 103 9.21 43.01 -6.30
N LEU B 104 10.22 42.53 -7.03
CA LEU B 104 11.60 43.01 -6.86
C LEU B 104 12.00 43.98 -7.98
N GLU B 105 12.28 45.23 -7.62
CA GLU B 105 12.63 46.27 -8.59
C GLU B 105 14.11 46.65 -8.55
N ILE B 106 14.59 47.23 -9.66
CA ILE B 106 15.97 47.68 -9.72
C ILE B 106 16.09 49.13 -9.25
N LYS B 107 16.84 49.35 -8.17
CA LYS B 107 17.08 50.66 -7.54
C LYS B 107 17.83 50.44 -6.22
N GLU C 1 8.13 -25.83 -23.59
CA GLU C 1 7.18 -24.74 -23.47
C GLU C 1 6.22 -24.98 -22.28
N VAL C 2 5.31 -24.01 -22.07
CA VAL C 2 4.31 -24.05 -20.99
C VAL C 2 3.08 -24.84 -21.40
N GLN C 3 2.72 -25.79 -20.57
CA GLN C 3 1.58 -26.63 -20.80
C GLN C 3 1.11 -27.33 -19.54
N LEU C 4 -0.14 -27.79 -19.56
CA LEU C 4 -0.68 -28.60 -18.49
C LEU C 4 -1.05 -29.98 -19.02
N GLN C 5 -0.49 -31.00 -18.39
CA GLN C 5 -0.76 -32.38 -18.79
C GLN C 5 -1.71 -33.01 -17.80
N GLN C 6 -2.96 -33.18 -18.21
CA GLN C 6 -3.98 -33.68 -17.31
C GLN C 6 -4.19 -35.17 -17.51
N SER C 7 -4.56 -35.86 -16.45
CA SER C 7 -4.80 -37.30 -16.58
C SER C 7 -5.93 -37.83 -15.73
N GLY C 8 -6.45 -38.97 -16.16
CA GLY C 8 -7.49 -39.70 -15.47
C GLY C 8 -8.57 -40.15 -16.46
N ALA C 9 -9.24 -41.24 -16.12
CA ALA C 9 -10.31 -41.80 -16.92
C ALA C 9 -11.11 -42.73 -16.03
N ASP C 10 -11.60 -42.18 -14.93
CA ASP C 10 -12.21 -42.97 -13.87
C ASP C 10 -13.65 -43.39 -14.12
N LEU C 11 -13.86 -44.69 -14.11
CA LEU C 11 -15.19 -45.26 -14.22
C LEU C 11 -15.54 -45.83 -12.85
N VAL C 12 -16.48 -45.20 -12.16
CA VAL C 12 -16.75 -45.60 -10.79
C VAL C 12 -18.23 -45.88 -10.52
N LYS C 13 -18.47 -46.53 -9.38
CA LYS C 13 -19.83 -46.80 -8.93
C LYS C 13 -20.31 -45.63 -8.08
N PRO C 14 -21.62 -45.38 -7.98
CA PRO C 14 -22.20 -44.37 -7.12
C PRO C 14 -21.71 -44.53 -5.69
N GLY C 15 -21.35 -43.41 -5.07
CA GLY C 15 -20.85 -43.38 -3.71
C GLY C 15 -19.32 -43.41 -3.65
N ALA C 16 -18.68 -43.68 -4.78
CA ALA C 16 -17.23 -43.78 -4.87
C ALA C 16 -16.53 -42.44 -4.74
N SER C 17 -15.25 -42.49 -4.37
CA SER C 17 -14.37 -41.33 -4.35
C SER C 17 -13.48 -41.33 -5.59
N VAL C 18 -13.23 -40.15 -6.16
CA VAL C 18 -12.38 -40.01 -7.34
C VAL C 18 -11.31 -38.94 -7.20
N LYS C 19 -10.08 -39.27 -7.59
CA LYS C 19 -9.03 -38.25 -7.58
C LYS C 19 -8.51 -38.00 -8.98
N LEU C 20 -8.66 -36.77 -9.44
CA LEU C 20 -8.23 -36.35 -10.77
C LEU C 20 -6.97 -35.51 -10.61
N SER C 21 -6.09 -35.49 -11.61
CA SER C 21 -4.86 -34.72 -11.40
C SER C 21 -4.30 -34.12 -12.68
N CYS C 22 -3.41 -33.13 -12.52
CA CYS C 22 -2.66 -32.50 -13.61
C CYS C 22 -1.25 -32.15 -13.15
N THR C 23 -0.35 -32.10 -14.13
CA THR C 23 1.04 -31.78 -13.85
C THR C 23 1.46 -30.59 -14.69
N ALA C 24 2.41 -29.80 -14.19
CA ALA C 24 2.86 -28.65 -14.95
C ALA C 24 4.20 -28.88 -15.59
N SER C 25 4.37 -28.27 -16.75
CA SER C 25 5.63 -28.24 -17.46
C SER C 25 5.88 -26.84 -17.99
N GLY C 26 7.12 -26.38 -17.86
CA GLY C 26 7.52 -25.08 -18.37
C GLY C 26 7.40 -23.96 -17.33
N PHE C 27 6.81 -24.26 -16.17
CA PHE C 27 6.67 -23.24 -15.14
C PHE C 27 6.61 -23.86 -13.75
N ASN C 28 6.83 -23.02 -12.74
CA ASN C 28 6.77 -23.44 -11.35
C ASN C 28 5.36 -23.24 -10.80
N ILE C 29 4.77 -24.29 -10.24
CA ILE C 29 3.44 -24.19 -9.66
C ILE C 29 3.37 -23.11 -8.60
N LYS C 30 4.42 -22.95 -7.82
CA LYS C 30 4.42 -21.97 -6.73
C LYS C 30 4.13 -20.53 -7.18
N ASP C 31 4.45 -20.20 -8.44
CA ASP C 31 4.28 -18.83 -8.92
C ASP C 31 2.95 -18.56 -9.62
N THR C 32 2.05 -19.55 -9.66
CA THR C 32 0.80 -19.40 -10.39
C THR C 32 -0.40 -19.85 -9.58
N TYR C 33 -1.60 -19.53 -10.07
CA TYR C 33 -2.82 -20.06 -9.47
C TYR C 33 -3.33 -21.22 -10.29
N ILE C 34 -3.87 -22.23 -9.60
CA ILE C 34 -4.47 -23.36 -10.29
C ILE C 34 -5.95 -23.38 -10.06
N HIS C 35 -6.70 -23.42 -11.16
CA HIS C 35 -8.15 -23.41 -11.15
C HIS C 35 -8.70 -24.69 -11.70
N TRP C 36 -9.85 -25.10 -11.21
CA TRP C 36 -10.53 -26.25 -11.77
C TRP C 36 -11.93 -25.88 -12.24
N VAL C 37 -12.31 -26.43 -13.40
CA VAL C 37 -13.60 -26.19 -14.05
C VAL C 37 -14.31 -27.50 -14.41
N LYS C 38 -15.61 -27.57 -14.16
CA LYS C 38 -16.41 -28.76 -14.47
C LYS C 38 -17.36 -28.54 -15.64
N GLN C 39 -17.22 -29.35 -16.68
CA GLN C 39 -18.10 -29.25 -17.84
C GLN C 39 -19.02 -30.45 -18.00
N ARG C 40 -20.30 -30.27 -17.72
CA ARG C 40 -21.23 -31.36 -17.91
C ARG C 40 -21.38 -31.49 -19.41
N PRO C 41 -21.66 -32.67 -19.96
CA PRO C 41 -21.64 -32.97 -21.39
C PRO C 41 -22.24 -31.88 -22.26
N GLU C 42 -23.42 -31.39 -21.91
CA GLU C 42 -24.10 -30.40 -22.73
C GLU C 42 -24.58 -29.17 -21.94
N GLN C 43 -23.88 -28.78 -20.88
CA GLN C 43 -24.42 -27.68 -20.07
C GLN C 43 -23.46 -26.57 -19.70
N GLY C 44 -22.57 -26.18 -20.60
CA GLY C 44 -21.69 -25.05 -20.34
C GLY C 44 -20.62 -25.37 -19.30
N LEU C 45 -20.10 -24.33 -18.64
CA LEU C 45 -19.00 -24.50 -17.71
C LEU C 45 -19.33 -24.00 -16.31
N GLU C 46 -18.98 -24.78 -15.29
CA GLU C 46 -19.08 -24.33 -13.91
C GLU C 46 -17.70 -24.24 -13.27
N TRP C 47 -17.40 -23.10 -12.67
CA TRP C 47 -16.12 -22.95 -11.99
C TRP C 47 -16.21 -23.70 -10.68
N ILE C 48 -15.18 -24.47 -10.32
CA ILE C 48 -15.20 -25.22 -9.07
C ILE C 48 -14.54 -24.44 -7.97
N GLY C 49 -13.34 -23.98 -8.24
CA GLY C 49 -12.54 -23.32 -7.23
C GLY C 49 -11.08 -23.25 -7.65
N ARG C 50 -10.25 -22.75 -6.75
CA ARG C 50 -8.83 -22.61 -7.03
C ARG C 50 -7.99 -22.65 -5.79
N ILE C 51 -6.68 -22.86 -5.99
CA ILE C 51 -5.74 -22.78 -4.88
C ILE C 51 -4.51 -21.94 -5.19
N ASP C 52 -3.89 -21.43 -4.12
CA ASP C 52 -2.59 -20.77 -4.16
C ASP C 52 -1.54 -21.67 -3.49
N PRO C 53 -0.73 -22.41 -4.25
CA PRO C 53 0.26 -23.38 -3.82
C PRO C 53 1.31 -22.81 -2.89
N ALA C 54 1.49 -21.49 -2.90
CA ALA C 54 2.50 -20.86 -2.07
C ALA C 54 2.19 -21.07 -0.59
N ASN C 55 0.91 -21.14 -0.25
CA ASN C 55 0.50 -21.29 1.12
C ASN C 55 -0.73 -22.18 1.31
N ASP C 56 -1.09 -22.92 0.27
CA ASP C 56 -2.26 -23.81 0.31
C ASP C 56 -3.51 -23.05 0.70
N ASN C 57 -3.66 -21.86 0.13
CA ASN C 57 -4.82 -21.03 0.37
C ASN C 57 -5.89 -21.35 -0.65
N PHE C 58 -6.96 -21.98 -0.21
CA PHE C 58 -7.99 -22.44 -1.14
C PHE C 58 -9.25 -21.61 -1.06
N LYS C 59 -9.99 -21.59 -2.16
CA LYS C 59 -11.29 -20.94 -2.21
C LYS C 59 -12.20 -21.69 -3.17
N TYR C 60 -13.44 -21.90 -2.78
CA TYR C 60 -14.35 -22.67 -3.63
C TYR C 60 -15.66 -21.97 -3.88
N ASP C 61 -16.28 -22.28 -5.01
CA ASP C 61 -17.65 -21.88 -5.27
C ASP C 61 -18.51 -22.64 -4.29
N PRO C 62 -19.35 -21.98 -3.47
CA PRO C 62 -20.18 -22.57 -2.45
C PRO C 62 -20.93 -23.82 -2.93
N LYS C 63 -21.30 -23.85 -4.21
CA LYS C 63 -22.04 -25.00 -4.74
C LYS C 63 -21.30 -26.32 -4.55
N PHE C 64 -19.97 -26.29 -4.64
CA PHE C 64 -19.18 -27.50 -4.56
C PHE C 64 -18.39 -27.59 -3.26
N GLN C 65 -18.70 -26.72 -2.30
CA GLN C 65 -17.88 -26.66 -1.08
C GLN C 65 -17.89 -27.98 -0.32
N GLY C 66 -19.02 -28.66 -0.33
CA GLY C 66 -19.13 -29.94 0.37
C GLY C 66 -19.01 -31.12 -0.60
N LYS C 67 -18.60 -30.84 -1.84
CA LYS C 67 -18.56 -31.86 -2.89
C LYS C 67 -17.14 -32.25 -3.29
N ALA C 68 -16.24 -31.26 -3.32
CA ALA C 68 -14.88 -31.51 -3.77
C ALA C 68 -13.90 -30.54 -3.14
N THR C 69 -12.64 -30.97 -3.06
CA THR C 69 -11.56 -30.12 -2.58
C THR C 69 -10.37 -30.13 -3.52
N ILE C 70 -9.54 -29.10 -3.44
CA ILE C 70 -8.37 -28.98 -4.28
C ILE C 70 -7.09 -28.92 -3.45
N THR C 71 -6.11 -29.73 -3.80
CA THR C 71 -4.82 -29.74 -3.09
C THR C 71 -3.64 -29.72 -4.06
N THR C 72 -2.43 -29.79 -3.53
CA THR C 72 -1.22 -29.69 -4.35
C THR C 72 0.04 -30.26 -3.71
N ASP C 73 1.00 -30.56 -4.59
CA ASP C 73 2.36 -30.93 -4.18
C ASP C 73 3.35 -30.06 -4.94
N THR C 74 3.84 -29.03 -4.28
CA THR C 74 4.69 -28.05 -4.95
C THR C 74 5.96 -28.68 -5.46
N SER C 75 6.53 -29.58 -4.67
CA SER C 75 7.84 -30.16 -4.96
C SER C 75 7.88 -30.97 -6.25
N SER C 76 6.72 -31.37 -6.76
CA SER C 76 6.66 -32.13 -7.99
C SER C 76 5.92 -31.38 -9.08
N ASN C 77 5.59 -30.11 -8.81
CA ASN C 77 4.80 -29.30 -9.72
C ASN C 77 3.50 -29.96 -10.15
N THR C 78 2.76 -30.49 -9.19
CA THR C 78 1.49 -31.13 -9.51
C THR C 78 0.31 -30.52 -8.74
N ALA C 79 -0.90 -30.85 -9.19
CA ALA C 79 -2.12 -30.38 -8.53
C ALA C 79 -3.21 -31.46 -8.59
N TYR C 80 -4.05 -31.51 -7.57
CA TYR C 80 -5.08 -32.54 -7.49
C TYR C 80 -6.47 -32.03 -7.17
N LEU C 81 -7.48 -32.67 -7.74
CA LEU C 81 -8.88 -32.42 -7.42
C LEU C 81 -9.51 -33.68 -6.88
N GLN C 82 -10.01 -33.62 -5.65
CA GLN C 82 -10.61 -34.79 -5.05
C GLN C 82 -12.11 -34.65 -4.94
N LEU C 83 -12.81 -35.54 -5.62
CA LEU C 83 -14.26 -35.54 -5.69
C LEU C 83 -14.77 -36.60 -4.73
N SER C 84 -15.87 -36.33 -4.03
CA SER C 84 -16.40 -37.35 -3.15
C SER C 84 -17.90 -37.56 -3.35
N SER C 85 -18.38 -38.72 -2.93
CA SER C 85 -19.79 -39.06 -3.07
C SER C 85 -20.25 -38.85 -4.51
N LEU C 86 -19.60 -39.53 -5.44
CA LEU C 86 -19.94 -39.43 -6.85
C LEU C 86 -21.32 -40.03 -7.13
N THR C 87 -22.12 -39.30 -7.92
CA THR C 87 -23.47 -39.71 -8.32
C THR C 87 -23.62 -39.54 -9.80
N SER C 88 -24.80 -39.72 -10.38
CA SER C 88 -24.99 -39.67 -11.87
C SER C 88 -24.67 -38.29 -12.46
N GLU C 89 -25.01 -37.20 -11.77
CA GLU C 89 -24.81 -35.82 -12.27
C GLU C 89 -23.32 -35.59 -12.51
N ASP C 90 -22.46 -36.15 -11.67
CA ASP C 90 -21.01 -35.88 -11.76
C ASP C 90 -20.41 -36.38 -13.07
N THR C 91 -21.07 -37.25 -13.81
CA THR C 91 -20.38 -37.67 -15.03
C THR C 91 -20.10 -36.41 -15.77
N ALA C 92 -18.87 -36.21 -16.27
CA ALA C 92 -18.51 -34.90 -16.84
C ALA C 92 -17.10 -34.87 -17.36
N VAL C 93 -16.62 -33.69 -17.73
CA VAL C 93 -15.22 -33.52 -18.07
C VAL C 93 -14.64 -32.42 -17.21
N TYR C 94 -13.55 -32.71 -16.52
CA TYR C 94 -12.95 -31.73 -15.65
C TYR C 94 -11.72 -31.14 -16.30
N TYR C 95 -11.52 -29.84 -16.11
CA TYR C 95 -10.35 -29.20 -16.68
C TYR C 95 -9.47 -28.56 -15.62
N CYS C 96 -8.15 -28.71 -15.81
CA CYS C 96 -7.11 -28.06 -15.04
C CYS C 96 -6.71 -26.82 -15.83
N ALA C 97 -6.76 -25.66 -15.20
CA ALA C 97 -6.42 -24.43 -15.90
C ALA C 97 -5.57 -23.55 -15.01
N SER C 98 -4.77 -22.71 -15.62
CA SER C 98 -3.88 -21.86 -14.85
C SER C 98 -3.68 -20.49 -15.47
N VAL C 99 -3.24 -19.56 -14.65
CA VAL C 99 -2.94 -18.22 -15.11
C VAL C 99 -1.43 -18.01 -15.20
N ILE C 100 -0.93 -17.85 -16.42
CA ILE C 100 0.52 -17.77 -16.63
C ILE C 100 0.97 -16.37 -17.05
N THR C 101 0.39 -15.86 -18.14
CA THR C 101 0.80 -14.55 -18.65
C THR C 101 -0.25 -13.50 -18.36
N THR C 102 -1.53 -13.86 -18.48
CA THR C 102 -2.62 -12.92 -18.29
C THR C 102 -2.96 -12.77 -16.82
N THR C 103 -1.95 -12.38 -16.04
CA THR C 103 -2.06 -12.32 -14.61
C THR C 103 -3.07 -11.27 -14.19
N GLY C 104 -3.98 -11.68 -13.32
CA GLY C 104 -5.00 -10.80 -12.78
C GLY C 104 -6.22 -10.66 -13.69
N TYR C 105 -6.19 -11.25 -14.89
CA TYR C 105 -7.30 -11.08 -15.82
C TYR C 105 -7.99 -12.35 -16.28
N ALA C 106 -7.24 -13.37 -16.68
CA ALA C 106 -7.93 -14.50 -17.30
C ALA C 106 -7.18 -15.82 -17.23
N LEU C 107 -7.93 -16.92 -17.30
CA LEU C 107 -7.34 -18.25 -17.41
C LEU C 107 -6.65 -18.28 -18.75
N ASP C 108 -5.42 -18.76 -18.74
CA ASP C 108 -4.55 -18.71 -19.90
C ASP C 108 -4.36 -20.11 -20.49
N TYR C 109 -3.75 -20.99 -19.73
CA TYR C 109 -3.46 -22.34 -20.19
C TYR C 109 -4.46 -23.32 -19.64
N TRP C 110 -4.84 -24.27 -20.47
CA TRP C 110 -5.79 -25.31 -20.11
C TRP C 110 -5.22 -26.68 -20.43
N GLY C 111 -5.58 -27.67 -19.62
CA GLY C 111 -5.23 -29.04 -19.93
C GLY C 111 -6.23 -29.56 -20.96
N GLN C 112 -6.02 -30.79 -21.44
CA GLN C 112 -6.91 -31.34 -22.45
C GLN C 112 -8.25 -31.80 -21.84
N GLY C 113 -8.26 -31.96 -20.52
CA GLY C 113 -9.43 -32.39 -19.78
C GLY C 113 -9.46 -33.90 -19.49
N THR C 114 -10.12 -34.27 -18.40
CA THR C 114 -10.26 -35.66 -18.00
C THR C 114 -11.73 -36.01 -17.83
N SER C 115 -12.13 -37.18 -18.34
CA SER C 115 -13.52 -37.59 -18.23
C SER C 115 -13.73 -38.61 -17.13
N VAL C 116 -14.65 -38.31 -16.23
CA VAL C 116 -15.03 -39.22 -15.16
C VAL C 116 -16.51 -39.51 -15.26
N THR C 117 -16.87 -40.78 -15.19
CA THR C 117 -18.25 -41.19 -15.32
C THR C 117 -18.68 -42.02 -14.14
N VAL C 118 -19.98 -41.98 -13.84
CA VAL C 118 -20.51 -42.77 -12.76
C VAL C 118 -21.61 -43.69 -13.28
N SER C 119 -21.51 -44.98 -12.99
CA SER C 119 -22.49 -45.93 -13.49
C SER C 119 -22.62 -47.14 -12.58
N SER C 120 -23.73 -47.89 -12.73
CA SER C 120 -23.99 -49.12 -11.97
C SER C 120 -23.45 -50.32 -12.74
N GLU D 1 8.33 19.04 -29.29
CA GLU D 1 8.54 19.12 -27.85
C GLU D 1 7.21 19.30 -27.10
N VAL D 2 7.29 19.35 -25.76
CA VAL D 2 6.14 19.53 -24.87
C VAL D 2 5.76 20.99 -24.71
N GLN D 3 4.50 21.27 -24.96
CA GLN D 3 3.98 22.61 -24.85
C GLN D 3 2.46 22.62 -24.74
N LEU D 4 1.93 23.74 -24.24
CA LEU D 4 0.50 23.98 -24.20
C LEU D 4 0.15 25.17 -25.06
N GLN D 5 -0.76 24.95 -26.00
CA GLN D 5 -1.18 26.01 -26.90
C GLN D 5 -2.56 26.48 -26.48
N GLN D 6 -2.63 27.65 -25.87
CA GLN D 6 -3.88 28.15 -25.34
C GLN D 6 -4.53 29.13 -26.31
N SER D 7 -5.86 29.19 -26.30
CA SER D 7 -6.53 30.11 -27.19
C SER D 7 -7.80 30.73 -26.61
N GLY D 8 -8.15 31.88 -27.19
CA GLY D 8 -9.35 32.61 -26.84
C GLY D 8 -9.03 34.11 -26.68
N ALA D 9 -10.03 34.93 -26.93
CA ALA D 9 -9.94 36.37 -26.80
C ALA D 9 -11.35 36.92 -26.72
N ASP D 10 -12.09 36.44 -25.74
CA ASP D 10 -13.51 36.69 -25.66
C ASP D 10 -13.88 38.04 -25.06
N LEU D 11 -14.61 38.82 -25.84
CA LEU D 11 -15.15 40.10 -25.39
C LEU D 11 -16.65 39.91 -25.24
N VAL D 12 -17.14 39.91 -24.00
CA VAL D 12 -18.54 39.60 -23.78
C VAL D 12 -19.27 40.62 -22.94
N LYS D 13 -20.59 40.53 -22.96
CA LYS D 13 -21.44 41.38 -22.15
C LYS D 13 -21.68 40.71 -20.80
N PRO D 14 -21.96 41.46 -19.73
CA PRO D 14 -22.29 40.93 -18.43
C PRO D 14 -23.43 39.92 -18.53
N GLY D 15 -23.28 38.80 -17.83
CA GLY D 15 -24.26 37.72 -17.81
C GLY D 15 -23.95 36.64 -18.84
N ALA D 16 -22.99 36.91 -19.72
CA ALA D 16 -22.61 35.98 -20.78
C ALA D 16 -21.85 34.77 -20.25
N SER D 17 -21.86 33.71 -21.05
CA SER D 17 -21.06 32.50 -20.80
C SER D 17 -19.82 32.51 -21.70
N VAL D 18 -18.68 32.06 -21.17
CA VAL D 18 -17.42 32.01 -21.91
C VAL D 18 -16.73 30.66 -21.83
N LYS D 19 -16.27 30.14 -22.97
CA LYS D 19 -15.50 28.91 -22.93
C LYS D 19 -14.09 29.15 -23.43
N LEU D 20 -13.11 28.88 -22.57
CA LEU D 20 -11.69 29.07 -22.87
C LEU D 20 -11.09 27.69 -23.08
N SER D 21 -10.03 27.57 -23.87
CA SER D 21 -9.50 26.23 -24.09
C SER D 21 -8.00 26.20 -24.35
N CYS D 22 -7.41 25.01 -24.21
CA CYS D 22 -5.99 24.74 -24.51
C CYS D 22 -5.84 23.35 -25.09
N THR D 23 -4.79 23.18 -25.88
CA THR D 23 -4.50 21.90 -26.51
C THR D 23 -3.10 21.46 -26.14
N ALA D 24 -2.87 20.16 -26.09
CA ALA D 24 -1.54 19.67 -25.76
C ALA D 24 -0.80 19.17 -26.96
N SER D 25 0.51 19.35 -26.91
CA SER D 25 1.43 18.80 -27.90
C SER D 25 2.64 18.23 -27.19
N GLY D 26 3.07 17.06 -27.66
CA GLY D 26 4.26 16.41 -27.11
C GLY D 26 3.94 15.41 -26.00
N PHE D 27 2.68 15.38 -25.55
CA PHE D 27 2.32 14.44 -24.49
C PHE D 27 0.85 14.07 -24.56
N ASN D 28 0.50 12.99 -23.87
CA ASN D 28 -0.88 12.52 -23.79
C ASN D 28 -1.58 13.13 -22.60
N ILE D 29 -2.72 13.76 -22.82
CA ILE D 29 -3.50 14.35 -21.73
C ILE D 29 -3.84 13.33 -20.66
N LYS D 30 -4.12 12.10 -21.06
CA LYS D 30 -4.52 11.07 -20.11
C LYS D 30 -3.49 10.81 -19.01
N ASP D 31 -2.21 11.07 -19.27
CA ASP D 31 -1.16 10.77 -18.31
C ASP D 31 -0.78 11.94 -17.40
N THR D 32 -1.48 13.06 -17.52
CA THR D 32 -1.11 14.25 -16.74
C THR D 32 -2.31 14.91 -16.07
N TYR D 33 -2.05 15.84 -15.17
CA TYR D 33 -3.11 16.65 -14.60
C TYR D 33 -3.16 18.00 -15.27
N ILE D 34 -4.38 18.51 -15.47
CA ILE D 34 -4.54 19.84 -16.04
C ILE D 34 -5.12 20.79 -15.01
N HIS D 35 -4.41 21.88 -14.80
CA HIS D 35 -4.78 22.89 -13.82
C HIS D 35 -5.12 24.20 -14.50
N TRP D 36 -6.03 24.96 -13.91
CA TRP D 36 -6.32 26.29 -14.42
C TRP D 36 -6.10 27.33 -13.33
N VAL D 37 -5.51 28.46 -13.74
CA VAL D 37 -5.19 29.60 -12.87
C VAL D 37 -5.73 30.92 -13.41
N LYS D 38 -6.30 31.74 -12.54
CA LYS D 38 -6.85 33.05 -12.92
C LYS D 38 -6.01 34.21 -12.42
N GLN D 39 -5.54 35.05 -13.33
CA GLN D 39 -4.75 36.22 -12.94
C GLN D 39 -5.46 37.53 -13.22
N ARG D 40 -5.92 38.20 -12.18
CA ARG D 40 -6.56 39.48 -12.38
C ARG D 40 -5.43 40.43 -12.72
N PRO D 41 -5.65 41.49 -13.51
CA PRO D 41 -4.62 42.35 -14.07
C PRO D 41 -3.49 42.69 -13.10
N GLU D 42 -3.83 43.09 -11.89
CA GLU D 42 -2.83 43.53 -10.93
C GLU D 42 -2.97 42.86 -9.56
N GLN D 43 -3.47 41.63 -9.49
CA GLN D 43 -3.71 41.06 -8.17
C GLN D 43 -3.20 39.63 -7.92
N GLY D 44 -2.04 39.29 -8.45
CA GLY D 44 -1.46 37.99 -8.17
C GLY D 44 -2.21 36.85 -8.86
N LEU D 45 -2.08 35.64 -8.31
CA LEU D 45 -2.67 34.47 -8.93
C LEU D 45 -3.64 33.73 -8.04
N GLU D 46 -4.80 33.34 -8.59
CA GLU D 46 -5.73 32.47 -7.88
C GLU D 46 -5.86 31.13 -8.57
N TRP D 47 -5.69 30.05 -7.83
CA TRP D 47 -5.86 28.73 -8.40
C TRP D 47 -7.35 28.47 -8.57
N ILE D 48 -7.77 27.94 -9.72
CA ILE D 48 -9.19 27.68 -9.94
C ILE D 48 -9.53 26.27 -9.57
N GLY D 49 -8.77 25.34 -10.11
CA GLY D 49 -9.06 23.93 -9.93
C GLY D 49 -8.32 23.09 -10.94
N ARG D 50 -8.59 21.79 -10.93
CA ARG D 50 -7.94 20.87 -11.84
C ARG D 50 -8.77 19.65 -12.14
N ILE D 51 -8.39 18.94 -13.19
CA ILE D 51 -9.01 17.66 -13.50
C ILE D 51 -8.03 16.54 -13.80
N ASP D 52 -8.49 15.31 -13.60
CA ASP D 52 -7.79 14.10 -14.00
C ASP D 52 -8.55 13.45 -15.17
N PRO D 53 -8.08 13.63 -16.42
CA PRO D 53 -8.70 13.18 -17.66
C PRO D 53 -8.89 11.68 -17.74
N ALA D 54 -8.17 10.93 -16.92
CA ALA D 54 -8.28 9.47 -16.95
C ALA D 54 -9.68 9.04 -16.55
N ASN D 55 -10.32 9.79 -15.66
CA ASN D 55 -11.63 9.44 -15.18
C ASN D 55 -12.54 10.64 -14.94
N ASP D 56 -12.16 11.81 -15.48
CA ASP D 56 -12.94 13.03 -15.33
C ASP D 56 -13.18 13.35 -13.86
N ASN D 57 -12.15 13.16 -13.05
CA ASN D 57 -12.21 13.45 -11.63
C ASN D 57 -11.80 14.88 -11.39
N PHE D 58 -12.76 15.73 -11.03
CA PHE D 58 -12.49 17.15 -10.89
C PHE D 58 -12.45 17.59 -9.44
N LYS D 59 -11.72 18.67 -9.20
CA LYS D 59 -11.68 19.29 -7.89
C LYS D 59 -11.49 20.79 -8.04
N TYR D 60 -12.24 21.58 -7.28
CA TYR D 60 -12.15 23.03 -7.42
C TYR D 60 -11.92 23.74 -6.11
N ASP D 61 -11.31 24.91 -6.19
CA ASP D 61 -11.23 25.81 -5.05
C ASP D 61 -12.65 26.28 -4.79
N PRO D 62 -13.19 26.13 -3.57
CA PRO D 62 -14.55 26.48 -3.20
C PRO D 62 -14.97 27.86 -3.70
N LYS D 63 -14.04 28.80 -3.78
CA LYS D 63 -14.36 30.15 -4.22
C LYS D 63 -15.00 30.17 -5.62
N PHE D 64 -14.58 29.27 -6.49
CA PHE D 64 -15.06 29.26 -7.86
C PHE D 64 -15.99 28.08 -8.13
N GLN D 65 -16.40 27.37 -7.09
CA GLN D 65 -17.17 26.15 -7.31
C GLN D 65 -18.47 26.39 -8.05
N GLY D 66 -19.10 27.53 -7.79
CA GLY D 66 -20.35 27.87 -8.45
C GLY D 66 -20.12 28.86 -9.61
N LYS D 67 -18.86 29.07 -9.97
CA LYS D 67 -18.50 30.07 -10.97
C LYS D 67 -18.02 29.48 -12.27
N ALA D 68 -17.26 28.38 -12.18
CA ALA D 68 -16.67 27.78 -13.37
C ALA D 68 -16.45 26.29 -13.19
N THR D 69 -16.42 25.57 -14.31
CA THR D 69 -16.11 24.14 -14.30
C THR D 69 -15.05 23.80 -15.33
N ILE D 70 -14.37 22.68 -15.12
CA ILE D 70 -13.32 22.23 -16.02
C ILE D 70 -13.65 20.86 -16.62
N THR D 71 -13.53 20.75 -17.94
CA THR D 71 -13.80 19.48 -18.63
C THR D 71 -12.69 19.15 -19.64
N THR D 72 -12.86 18.05 -20.36
CA THR D 72 -11.84 17.56 -21.28
C THR D 72 -12.32 16.63 -22.38
N ASP D 73 -11.52 16.56 -23.44
CA ASP D 73 -11.70 15.57 -24.51
C ASP D 73 -10.39 14.85 -24.72
N THR D 74 -10.28 13.65 -24.16
CA THR D 74 -9.02 12.92 -24.18
C THR D 74 -8.59 12.60 -25.60
N SER D 75 -9.56 12.23 -26.43
CA SER D 75 -9.28 11.73 -27.78
C SER D 75 -8.63 12.77 -28.68
N SER D 76 -8.70 14.04 -28.31
CA SER D 76 -8.11 15.09 -29.11
C SER D 76 -6.99 15.81 -28.33
N ASN D 77 -6.66 15.29 -27.16
CA ASN D 77 -5.68 15.91 -26.27
C ASN D 77 -6.00 17.37 -25.98
N THR D 78 -7.26 17.66 -25.63
CA THR D 78 -7.64 19.03 -25.32
C THR D 78 -8.25 19.17 -23.93
N ALA D 79 -8.35 20.41 -23.45
CA ALA D 79 -8.98 20.70 -22.17
C ALA D 79 -9.73 22.02 -22.22
N TYR D 80 -10.82 22.12 -21.45
CA TYR D 80 -11.67 23.30 -21.49
C TYR D 80 -12.02 23.87 -20.11
N LEU D 81 -12.13 25.18 -20.05
CA LEU D 81 -12.62 25.89 -18.86
C LEU D 81 -13.87 26.67 -19.21
N GLN D 82 -14.96 26.35 -18.54
CA GLN D 82 -16.22 27.02 -18.83
C GLN D 82 -16.60 27.96 -17.71
N LEU D 83 -16.67 29.25 -18.05
CA LEU D 83 -16.99 30.30 -17.10
C LEU D 83 -18.45 30.69 -17.28
N SER D 84 -19.15 30.96 -16.19
CA SER D 84 -20.54 31.38 -16.37
C SER D 84 -20.85 32.64 -15.56
N SER D 85 -21.91 33.33 -15.97
CA SER D 85 -22.32 34.55 -15.30
C SER D 85 -21.15 35.53 -15.19
N LEU D 86 -20.59 35.88 -16.33
CA LEU D 86 -19.47 36.80 -16.35
C LEU D 86 -19.89 38.21 -15.93
N THR D 87 -19.06 38.82 -15.07
CA THR D 87 -19.30 40.18 -14.56
C THR D 87 -18.01 40.97 -14.69
N SER D 88 -17.93 42.19 -14.17
CA SER D 88 -16.72 43.07 -14.35
C SER D 88 -15.46 42.48 -13.72
N GLU D 89 -15.57 41.82 -12.57
CA GLU D 89 -14.40 41.26 -11.83
C GLU D 89 -13.71 40.23 -12.71
N ASP D 90 -14.46 39.46 -13.48
CA ASP D 90 -13.88 38.36 -14.29
C ASP D 90 -12.92 38.86 -15.34
N THR D 91 -12.91 40.13 -15.70
CA THR D 91 -11.95 40.48 -16.74
C THR D 91 -10.63 40.05 -16.20
N ALA D 92 -9.81 39.34 -16.99
CA ALA D 92 -8.57 38.75 -16.44
C ALA D 92 -7.77 38.00 -17.47
N VAL D 93 -6.75 37.29 -17.04
CA VAL D 93 -6.04 36.40 -17.93
C VAL D 93 -6.03 35.01 -17.34
N TYR D 94 -6.47 34.03 -18.11
CA TYR D 94 -6.53 32.67 -17.61
C TYR D 94 -5.39 31.87 -18.14
N TYR D 95 -4.82 30.98 -17.33
CA TYR D 95 -3.73 30.14 -17.79
C TYR D 95 -4.06 28.66 -17.67
N CYS D 96 -3.63 27.90 -18.69
CA CYS D 96 -3.68 26.45 -18.74
C CYS D 96 -2.30 25.97 -18.31
N ALA D 97 -2.25 25.12 -17.30
CA ALA D 97 -0.96 24.63 -16.81
C ALA D 97 -1.02 23.15 -16.55
N SER D 98 0.11 22.49 -16.63
CA SER D 98 0.13 21.06 -16.42
C SER D 98 1.39 20.57 -15.74
N VAL D 99 1.29 19.38 -15.19
CA VAL D 99 2.43 18.76 -14.54
C VAL D 99 2.99 17.64 -15.41
N ILE D 100 4.20 17.83 -15.93
CA ILE D 100 4.78 16.88 -16.87
C ILE D 100 5.95 16.11 -16.28
N THR D 101 6.96 16.82 -15.79
CA THR D 101 8.15 16.17 -15.25
C THR D 101 8.20 16.23 -13.73
N THR D 102 7.78 17.37 -13.18
CA THR D 102 7.83 17.58 -11.74
C THR D 102 6.60 16.98 -11.06
N THR D 103 6.42 15.70 -11.28
CA THR D 103 5.23 15.00 -10.81
C THR D 103 5.17 14.99 -9.31
N GLY D 104 4.02 15.37 -8.79
CA GLY D 104 3.77 15.39 -7.36
C GLY D 104 4.29 16.65 -6.66
N TYR D 105 4.98 17.53 -7.39
CA TYR D 105 5.55 18.70 -6.74
C TYR D 105 5.11 20.06 -7.29
N ALA D 106 5.11 20.23 -8.61
CA ALA D 106 4.88 21.58 -9.10
C ALA D 106 4.34 21.67 -10.52
N LEU D 107 3.64 22.77 -10.82
CA LEU D 107 3.20 23.05 -12.18
C LEU D 107 4.45 23.27 -12.97
N ASP D 108 4.53 22.64 -14.13
CA ASP D 108 5.72 22.61 -14.95
C ASP D 108 5.55 23.45 -16.20
N TYR D 109 4.62 23.04 -17.06
CA TYR D 109 4.39 23.76 -18.31
C TYR D 109 3.18 24.65 -18.22
N TRP D 110 3.28 25.82 -18.83
CA TRP D 110 2.23 26.81 -18.86
C TRP D 110 1.92 27.23 -20.28
N GLY D 111 0.67 27.55 -20.56
CA GLY D 111 0.32 28.13 -21.83
C GLY D 111 0.66 29.61 -21.79
N GLN D 112 0.47 30.32 -22.89
CA GLN D 112 0.79 31.74 -22.94
C GLN D 112 -0.27 32.59 -22.25
N GLY D 113 -1.44 31.99 -22.03
CA GLY D 113 -2.58 32.63 -21.38
C GLY D 113 -3.58 33.24 -22.37
N THR D 114 -4.83 33.33 -21.94
CA THR D 114 -5.91 33.90 -22.73
C THR D 114 -6.59 35.02 -21.97
N SER D 115 -6.87 36.13 -22.66
CA SER D 115 -7.51 37.26 -21.99
C SER D 115 -8.99 37.33 -22.32
N VAL D 116 -9.82 37.36 -21.29
CA VAL D 116 -11.25 37.52 -21.43
C VAL D 116 -11.69 38.75 -20.66
N THR D 117 -12.48 39.60 -21.32
CA THR D 117 -12.92 40.84 -20.72
C THR D 117 -14.44 40.93 -20.75
N VAL D 118 -14.98 41.67 -19.79
CA VAL D 118 -16.43 41.87 -19.74
C VAL D 118 -16.73 43.37 -19.78
N SER D 119 -17.60 43.77 -20.71
CA SER D 119 -17.92 45.19 -20.85
C SER D 119 -19.33 45.40 -21.40
N SER D 120 -19.86 46.62 -21.24
CA SER D 120 -21.17 47.02 -21.75
C SER D 120 -21.03 47.61 -23.15
N ASP E 1 6.34 -9.10 24.91
CA ASP E 1 7.43 -9.12 23.95
C ASP E 1 7.68 -10.55 23.47
N ILE E 2 8.63 -10.74 22.52
CA ILE E 2 9.03 -12.06 22.03
C ILE E 2 10.46 -12.37 22.44
N GLN E 3 10.61 -13.41 23.24
CA GLN E 3 11.90 -13.82 23.75
C GLN E 3 12.40 -15.07 23.04
N MET E 4 13.71 -15.24 23.00
CA MET E 4 14.28 -16.42 22.40
C MET E 4 14.92 -17.36 23.42
N THR E 5 14.64 -18.63 23.28
CA THR E 5 15.23 -19.64 24.12
C THR E 5 16.23 -20.47 23.32
N GLN E 6 17.46 -20.46 23.78
CA GLN E 6 18.49 -21.23 23.13
C GLN E 6 18.64 -22.47 23.99
N SER E 7 18.22 -23.62 23.54
CA SER E 7 18.14 -24.71 24.49
C SER E 7 19.47 -25.29 24.96
N PRO E 8 20.41 -25.67 24.10
CA PRO E 8 21.67 -26.28 24.50
C PRO E 8 22.52 -25.21 25.16
N ALA E 9 23.02 -25.49 26.35
CA ALA E 9 23.88 -24.48 26.98
C ALA E 9 25.29 -24.63 26.43
N SER E 10 25.67 -25.88 26.24
CA SER E 10 27.00 -26.22 25.77
C SER E 10 27.00 -27.55 25.08
N LEU E 11 27.74 -27.63 23.99
CA LEU E 11 27.88 -28.84 23.23
C LEU E 11 29.34 -29.27 23.22
N SER E 12 29.58 -30.57 23.15
CA SER E 12 30.94 -31.08 23.07
C SER E 12 31.05 -32.11 21.97
N ALA E 13 31.95 -31.88 21.04
CA ALA E 13 32.08 -32.76 19.90
C ALA E 13 33.51 -32.77 19.38
N SER E 14 33.88 -33.87 18.72
CA SER E 14 35.18 -33.96 18.08
C SER E 14 35.09 -33.46 16.64
N VAL E 15 36.23 -33.27 16.01
CA VAL E 15 36.26 -32.83 14.63
C VAL E 15 35.74 -33.92 13.70
N GLY E 16 34.84 -33.54 12.80
CA GLY E 16 34.20 -34.44 11.85
C GLY E 16 32.78 -34.82 12.28
N GLU E 17 32.41 -34.51 13.53
CA GLU E 17 31.09 -34.81 14.06
C GLU E 17 30.03 -33.85 13.57
N THR E 18 28.77 -34.28 13.66
CA THR E 18 27.64 -33.45 13.29
C THR E 18 26.86 -33.07 14.54
N VAL E 19 26.59 -31.78 14.70
CA VAL E 19 25.86 -31.28 15.86
C VAL E 19 24.71 -30.40 15.43
N THR E 20 23.77 -30.19 16.33
CA THR E 20 22.68 -29.26 16.05
C THR E 20 22.45 -28.34 17.22
N ILE E 21 21.94 -27.15 16.93
CA ILE E 21 21.59 -26.17 17.92
C ILE E 21 20.13 -25.76 17.72
N THR E 22 19.31 -25.86 18.74
CA THR E 22 17.90 -25.52 18.59
C THR E 22 17.54 -24.23 19.33
N CYS E 23 16.61 -23.45 18.76
CA CYS E 23 16.16 -22.15 19.29
C CYS E 23 14.63 -22.03 19.15
N ARG E 24 13.96 -21.66 20.25
CA ARG E 24 12.49 -21.53 20.23
C ARG E 24 12.03 -20.14 20.61
N ALA E 25 10.89 -19.76 20.06
CA ALA E 25 10.33 -18.44 20.34
C ALA E 25 9.15 -18.49 21.28
N SER E 26 8.97 -17.40 22.04
CA SER E 26 7.80 -17.22 22.88
C SER E 26 6.61 -16.71 22.08
N GLY E 27 6.82 -16.44 20.79
CA GLY E 27 5.78 -15.94 19.92
C GLY E 27 6.13 -16.14 18.45
N ASN E 28 5.21 -15.77 17.56
CA ASN E 28 5.36 -15.97 16.12
C ASN E 28 6.28 -14.92 15.51
N ILE E 29 7.39 -15.37 14.93
CA ILE E 29 8.40 -14.48 14.38
C ILE E 29 8.26 -14.26 12.87
N HIS E 30 7.37 -15.00 12.24
CA HIS E 30 7.14 -14.88 10.80
C HIS E 30 8.43 -15.12 10.00
N ASN E 31 9.24 -16.07 10.47
CA ASN E 31 10.49 -16.49 9.84
C ASN E 31 11.60 -15.43 9.81
N TYR E 32 11.46 -14.34 10.55
CA TYR E 32 12.54 -13.37 10.62
C TYR E 32 13.54 -13.74 11.71
N LEU E 33 14.23 -14.86 11.53
CA LEU E 33 15.22 -15.32 12.49
C LEU E 33 16.59 -15.36 11.83
N ALA E 34 17.63 -14.93 12.56
CA ALA E 34 18.99 -14.98 12.03
C ALA E 34 19.95 -15.58 13.04
N TRP E 35 20.97 -16.28 12.53
CA TRP E 35 21.99 -16.87 13.41
C TRP E 35 23.34 -16.20 13.24
N TYR E 36 24.02 -16.04 14.37
CA TYR E 36 25.34 -15.42 14.48
C TYR E 36 26.36 -16.31 15.14
N GLN E 37 27.63 -16.08 14.84
CA GLN E 37 28.72 -16.80 15.48
C GLN E 37 29.78 -15.86 16.01
N GLN E 38 30.32 -16.17 17.18
CA GLN E 38 31.37 -15.36 17.79
C GLN E 38 32.52 -16.23 18.26
N LYS E 39 33.74 -15.75 18.09
CA LYS E 39 34.94 -16.43 18.55
C LYS E 39 35.21 -16.06 19.99
N GLN E 40 36.34 -16.47 20.54
CA GLN E 40 36.62 -16.14 21.93
C GLN E 40 36.69 -14.63 22.12
N GLY E 41 37.13 -13.94 21.07
CA GLY E 41 37.19 -12.48 21.06
C GLY E 41 36.56 -11.97 19.77
N LYS E 42 36.84 -10.72 19.43
CA LYS E 42 36.32 -10.09 18.22
C LYS E 42 34.79 -9.97 18.21
N SER E 43 34.28 -9.30 17.19
CA SER E 43 32.85 -9.11 17.02
C SER E 43 32.25 -10.39 16.46
N PRO E 44 30.94 -10.61 16.60
CA PRO E 44 30.18 -11.68 15.99
C PRO E 44 29.99 -11.43 14.50
N GLN E 45 29.70 -12.47 13.76
CA GLN E 45 29.38 -12.32 12.34
C GLN E 45 28.15 -13.13 11.97
N LEU E 46 27.48 -12.69 10.90
CA LEU E 46 26.26 -13.32 10.43
C LEU E 46 26.52 -14.58 9.63
N LEU E 47 25.88 -15.69 10.02
CA LEU E 47 26.10 -17.00 9.36
C LEU E 47 24.88 -17.38 8.50
N VAL E 48 23.68 -17.32 9.08
CA VAL E 48 22.43 -17.68 8.35
C VAL E 48 21.38 -16.59 8.62
N TYR E 49 20.61 -16.18 7.61
CA TYR E 49 19.52 -15.19 7.86
C TYR E 49 18.21 -15.75 7.34
N SER E 50 17.08 -15.16 7.72
CA SER E 50 15.74 -15.60 7.24
C SER E 50 15.47 -17.06 7.67
N ALA E 51 16.32 -17.65 8.51
CA ALA E 51 16.10 -19.03 9.02
C ALA E 51 15.74 -19.98 7.90
N LYS E 52 16.62 -20.15 6.90
CA LYS E 52 16.39 -21.10 5.78
C LYS E 52 17.39 -20.71 4.69
N THR E 53 18.30 -19.78 5.00
CA THR E 53 19.28 -19.30 4.03
C THR E 53 20.70 -19.35 4.53
N LEU E 54 21.64 -18.97 3.68
CA LEU E 54 23.03 -18.85 4.10
C LEU E 54 23.48 -17.42 3.87
N ALA E 55 24.32 -16.90 4.74
CA ALA E 55 24.91 -15.58 4.52
C ALA E 55 26.07 -15.73 3.55
N ASP E 56 26.29 -14.71 2.77
CA ASP E 56 27.37 -14.77 1.80
C ASP E 56 28.71 -15.10 2.45
N GLY E 57 29.44 -16.04 1.84
CA GLY E 57 30.77 -16.42 2.32
C GLY E 57 30.76 -17.59 3.29
N VAL E 58 29.57 -18.00 3.73
CA VAL E 58 29.45 -19.07 4.69
C VAL E 58 29.53 -20.46 4.02
N PRO E 59 30.37 -21.37 4.53
CA PRO E 59 30.54 -22.73 4.05
C PRO E 59 29.24 -23.52 4.08
N SER E 60 29.11 -24.46 3.15
CA SER E 60 27.94 -25.31 3.01
C SER E 60 27.72 -26.22 4.21
N ARG E 61 28.71 -26.26 5.10
CA ARG E 61 28.64 -27.03 6.34
C ARG E 61 27.52 -26.50 7.23
N PHE E 62 27.16 -25.23 7.04
CA PHE E 62 26.13 -24.61 7.86
C PHE E 62 24.80 -24.50 7.14
N SER E 63 23.74 -24.96 7.78
CA SER E 63 22.41 -24.91 7.21
C SER E 63 21.38 -24.82 8.32
N GLY E 64 20.12 -24.64 7.96
CA GLY E 64 19.08 -24.60 8.97
C GLY E 64 17.69 -24.53 8.36
N SER E 65 16.68 -24.60 9.22
CA SER E 65 15.28 -24.60 8.80
C SER E 65 14.36 -24.32 9.98
N GLY E 66 13.07 -24.15 9.72
CA GLY E 66 12.09 -24.00 10.79
C GLY E 66 10.84 -23.24 10.37
N SER E 67 9.89 -23.15 11.29
CA SER E 67 8.63 -22.44 11.06
C SER E 67 7.96 -22.14 12.39
N GLY E 68 6.95 -21.27 12.37
CA GLY E 68 6.20 -21.03 13.59
C GLY E 68 7.10 -20.45 14.68
N THR E 69 7.24 -21.20 15.77
CA THR E 69 8.04 -20.79 16.91
C THR E 69 9.23 -21.74 17.12
N GLN E 70 9.43 -22.67 16.19
CA GLN E 70 10.46 -23.70 16.32
C GLN E 70 11.49 -23.66 15.18
N TYR E 71 12.74 -23.32 15.52
CA TYR E 71 13.79 -23.19 14.51
C TYR E 71 15.07 -23.91 14.91
N SER E 72 15.90 -24.29 13.93
CA SER E 72 17.16 -24.95 14.25
C SER E 72 18.28 -24.71 13.25
N LEU E 73 19.51 -24.87 13.73
CA LEU E 73 20.73 -24.78 12.93
C LEU E 73 21.47 -26.11 12.97
N LYS E 74 21.98 -26.55 11.84
CA LYS E 74 22.75 -27.79 11.75
C LYS E 74 24.17 -27.50 11.30
N ILE E 75 25.14 -28.19 11.92
CA ILE E 75 26.52 -28.05 11.46
C ILE E 75 27.07 -29.42 11.10
N ASN E 76 27.40 -29.60 9.83
CA ASN E 76 27.91 -30.88 9.35
C ASN E 76 29.42 -30.89 9.29
N SER E 77 30.02 -32.05 9.52
CA SER E 77 31.46 -32.22 9.37
C SER E 77 32.26 -31.12 10.08
N LEU E 78 32.07 -30.98 11.38
CA LEU E 78 32.73 -29.90 12.12
C LEU E 78 34.23 -29.85 11.91
N GLN E 79 34.72 -28.66 11.59
CA GLN E 79 36.15 -28.42 11.46
C GLN E 79 36.61 -27.62 12.68
N PRO E 80 37.90 -27.59 13.04
CA PRO E 80 38.43 -26.86 14.18
C PRO E 80 37.98 -25.39 14.19
N GLU E 81 37.85 -24.79 13.00
CA GLU E 81 37.46 -23.40 12.86
C GLU E 81 36.00 -23.13 13.18
N ASP E 82 35.19 -24.19 13.27
CA ASP E 82 33.76 -24.05 13.49
C ASP E 82 33.42 -24.02 14.97
N PHE E 83 34.41 -24.19 15.82
CA PHE E 83 34.12 -24.22 17.25
C PHE E 83 34.16 -22.83 17.85
N GLY E 84 33.04 -22.45 18.46
CA GLY E 84 32.84 -21.12 19.03
C GLY E 84 31.43 -20.99 19.58
N SER E 85 30.99 -19.75 19.82
CA SER E 85 29.67 -19.52 20.39
C SER E 85 28.66 -19.17 19.31
N TYR E 86 27.45 -19.68 19.46
CA TYR E 86 26.39 -19.37 18.51
C TYR E 86 25.23 -18.66 19.18
N TYR E 87 24.63 -17.72 18.47
CA TYR E 87 23.49 -16.96 18.95
C TYR E 87 22.37 -16.93 17.92
N CYS E 88 21.13 -16.74 18.39
CA CYS E 88 19.95 -16.57 17.55
C CYS E 88 19.22 -15.31 17.99
N GLN E 89 18.71 -14.56 17.01
CA GLN E 89 17.90 -13.38 17.33
C GLN E 89 16.82 -13.18 16.31
N HIS E 90 15.80 -12.43 16.68
CA HIS E 90 14.75 -12.19 15.71
C HIS E 90 14.66 -10.73 15.32
N PHE E 91 14.11 -10.49 14.13
CA PHE E 91 13.86 -9.17 13.59
C PHE E 91 12.39 -8.82 13.41
N TRP E 92 11.53 -9.35 14.29
CA TRP E 92 10.12 -9.02 14.19
C TRP E 92 9.71 -8.02 15.26
N SER E 93 9.14 -6.91 14.84
CA SER E 93 8.69 -5.88 15.77
C SER E 93 9.82 -5.37 16.65
N SER E 94 9.60 -5.38 17.97
CA SER E 94 10.58 -4.86 18.92
C SER E 94 10.24 -5.28 20.36
N PRO E 95 11.24 -5.53 21.23
CA PRO E 95 12.68 -5.51 21.03
C PRO E 95 13.17 -6.71 20.23
N ARG E 96 14.22 -6.48 19.44
CA ARG E 96 14.85 -7.53 18.66
C ARG E 96 15.93 -8.21 19.46
N THR E 97 15.50 -9.02 20.41
CA THR E 97 16.41 -9.62 21.38
C THR E 97 17.10 -10.86 20.89
N PHE E 98 18.01 -11.35 21.73
CA PHE E 98 18.86 -12.50 21.47
C PHE E 98 18.56 -13.65 22.43
N GLY E 99 18.87 -14.87 22.00
CA GLY E 99 18.78 -16.02 22.89
C GLY E 99 20.02 -16.06 23.78
N GLY E 100 20.03 -16.94 24.78
CA GLY E 100 21.17 -17.04 25.69
C GLY E 100 22.48 -17.41 24.99
N GLY E 101 22.39 -18.25 23.96
CA GLY E 101 23.56 -18.67 23.21
C GLY E 101 24.08 -20.05 23.63
N THR E 102 24.74 -20.72 22.68
CA THR E 102 25.29 -22.07 22.87
C THR E 102 26.79 -22.10 22.64
N LYS E 103 27.54 -22.69 23.57
CA LYS E 103 28.99 -22.80 23.38
C LYS E 103 29.39 -24.19 22.93
N LEU E 104 30.00 -24.30 21.75
CA LEU E 104 30.45 -25.59 21.21
C LEU E 104 31.97 -25.76 21.36
N GLU E 105 32.38 -26.75 22.16
CA GLU E 105 33.79 -27.01 22.43
C GLU E 105 34.33 -28.25 21.74
N ILE E 106 35.65 -28.30 21.56
CA ILE E 106 36.29 -29.46 20.94
C ILE E 106 36.67 -30.50 22.00
N LYS E 107 36.06 -31.69 21.92
CA LYS E 107 36.27 -32.83 22.84
C LYS E 107 35.27 -33.93 22.50
N GLU F 1 35.90 -0.01 1.08
CA GLU F 1 34.80 -0.94 1.34
C GLU F 1 33.94 -0.48 2.52
N VAL F 2 32.89 -1.25 2.82
CA VAL F 2 31.96 -1.00 3.92
C VAL F 2 32.47 -1.51 5.24
N GLN F 3 32.51 -0.64 6.23
CA GLN F 3 32.97 -0.98 7.55
C GLN F 3 32.49 0.02 8.60
N LEU F 4 32.51 -0.41 9.85
CA LEU F 4 32.25 0.46 10.98
C LEU F 4 33.47 0.57 11.87
N GLN F 5 33.91 1.80 12.09
CA GLN F 5 35.08 2.06 12.92
C GLN F 5 34.64 2.57 14.26
N GLN F 6 34.71 1.74 15.28
CA GLN F 6 34.21 2.10 16.58
C GLN F 6 35.33 2.58 17.49
N SER F 7 35.03 3.48 18.41
CA SER F 7 36.07 3.97 19.30
C SER F 7 35.58 4.25 20.72
N GLY F 8 36.55 4.24 21.63
CA GLY F 8 36.34 4.55 23.03
C GLY F 8 37.05 3.52 23.91
N ALA F 9 37.41 3.95 25.11
CA ALA F 9 38.07 3.11 26.10
C ALA F 9 37.93 3.79 27.44
N ASP F 10 36.70 4.06 27.82
CA ASP F 10 36.39 4.89 28.97
C ASP F 10 36.49 4.17 30.32
N LEU F 11 37.35 4.71 31.17
CA LEU F 11 37.49 4.24 32.53
C LEU F 11 36.90 5.30 33.43
N VAL F 12 35.75 5.01 34.04
CA VAL F 12 35.06 6.04 34.81
C VAL F 12 34.70 5.62 36.21
N LYS F 13 34.34 6.61 37.03
CA LYS F 13 33.89 6.37 38.39
C LYS F 13 32.38 6.17 38.37
N PRO F 14 31.81 5.45 39.35
CA PRO F 14 30.38 5.27 39.51
C PRO F 14 29.67 6.61 39.53
N GLY F 15 28.57 6.69 38.80
CA GLY F 15 27.75 7.90 38.69
C GLY F 15 28.13 8.74 37.47
N ALA F 16 29.23 8.39 36.81
CA ALA F 16 29.73 9.11 35.65
C ALA F 16 28.86 8.90 34.41
N SER F 17 28.98 9.84 33.47
CA SER F 17 28.37 9.74 32.15
C SER F 17 29.42 9.32 31.13
N VAL F 18 29.04 8.46 30.17
CA VAL F 18 29.94 7.99 29.13
C VAL F 18 29.37 8.12 27.72
N LYS F 19 30.15 8.63 26.79
CA LYS F 19 29.69 8.66 25.41
C LYS F 19 30.58 7.81 24.52
N LEU F 20 29.98 6.81 23.89
CA LEU F 20 30.68 5.88 23.00
C LEU F 20 30.29 6.23 21.58
N SER F 21 31.15 5.96 20.60
CA SER F 21 30.79 6.35 19.24
C SER F 21 31.36 5.43 18.17
N CYS F 22 30.79 5.53 16.96
CA CYS F 22 31.25 4.82 15.77
C CYS F 22 31.06 5.69 14.53
N THR F 23 31.89 5.44 13.53
CA THR F 23 31.83 6.19 12.29
C THR F 23 31.66 5.21 11.13
N ALA F 24 31.02 5.68 10.07
CA ALA F 24 30.83 4.80 8.91
C ALA F 24 31.75 5.14 7.78
N SER F 25 32.12 4.11 7.06
CA SER F 25 32.89 4.23 5.83
C SER F 25 32.32 3.31 4.78
N GLY F 26 32.23 3.80 3.55
CA GLY F 26 31.75 3.00 2.43
C GLY F 26 30.24 3.14 2.20
N PHE F 27 29.54 3.81 3.11
CA PHE F 27 28.10 3.97 2.94
C PHE F 27 27.59 5.23 3.64
N ASN F 28 26.39 5.65 3.26
CA ASN F 28 25.74 6.81 3.87
C ASN F 28 24.88 6.39 5.05
N ILE F 29 25.11 7.00 6.20
CA ILE F 29 24.32 6.69 7.38
C ILE F 29 22.82 6.87 7.14
N LYS F 30 22.46 7.88 6.37
CA LYS F 30 21.05 8.18 6.12
C LYS F 30 20.27 7.01 5.51
N ASP F 31 20.94 6.12 4.79
CA ASP F 31 20.25 5.03 4.11
C ASP F 31 20.21 3.72 4.89
N THR F 32 20.70 3.72 6.13
CA THR F 32 20.76 2.48 6.91
C THR F 32 20.24 2.67 8.33
N TYR F 33 20.03 1.56 9.02
CA TYR F 33 19.70 1.61 10.44
C TYR F 33 20.94 1.34 11.28
N ILE F 34 21.06 2.05 12.39
CA ILE F 34 22.16 1.81 13.31
C ILE F 34 21.65 1.22 14.61
N HIS F 35 22.20 0.09 14.98
CA HIS F 35 21.82 -0.66 16.17
C HIS F 35 22.96 -0.70 17.15
N TRP F 36 22.63 -0.74 18.44
CA TRP F 36 23.65 -0.91 19.46
C TRP F 36 23.35 -2.15 20.30
N VAL F 37 24.41 -2.90 20.62
CA VAL F 37 24.35 -4.12 21.41
C VAL F 37 25.33 -4.11 22.59
N LYS F 38 24.88 -4.56 23.76
CA LYS F 38 25.72 -4.60 24.95
C LYS F 38 26.12 -6.03 25.34
N GLN F 39 27.41 -6.29 25.41
CA GLN F 39 27.88 -7.62 25.81
C GLN F 39 28.60 -7.61 27.14
N ARG F 40 27.97 -8.16 28.17
CA ARG F 40 28.63 -8.23 29.45
C ARG F 40 29.68 -9.31 29.30
N PRO F 41 30.81 -9.26 30.01
CA PRO F 41 31.97 -10.12 29.80
C PRO F 41 31.63 -11.58 29.53
N GLU F 42 30.75 -12.17 30.33
CA GLU F 42 30.42 -13.58 30.19
C GLU F 42 28.92 -13.86 30.13
N GLN F 43 28.12 -12.94 29.62
CA GLN F 43 26.67 -13.19 29.67
C GLN F 43 25.88 -12.97 28.39
N GLY F 44 26.44 -13.34 27.25
CA GLY F 44 25.68 -13.26 26.01
C GLY F 44 25.48 -11.83 25.53
N LEU F 45 24.45 -11.61 24.72
CA LEU F 45 24.22 -10.30 24.13
C LEU F 45 22.86 -9.72 24.46
N GLU F 46 22.83 -8.43 24.82
CA GLU F 46 21.57 -7.72 24.99
C GLU F 46 21.42 -6.62 23.97
N TRP F 47 20.30 -6.59 23.26
CA TRP F 47 20.06 -5.54 22.30
C TRP F 47 19.69 -4.27 23.07
N ILE F 48 20.25 -3.12 22.70
CA ILE F 48 19.95 -1.89 23.41
C ILE F 48 18.84 -1.15 22.73
N GLY F 49 19.00 -0.95 21.42
CA GLY F 49 18.07 -0.14 20.66
C GLY F 49 18.66 0.27 19.33
N ARG F 50 17.92 1.08 18.59
CA ARG F 50 18.38 1.53 17.29
C ARG F 50 17.79 2.87 16.91
N ILE F 51 18.38 3.49 15.90
CA ILE F 51 17.83 4.71 15.34
C ILE F 51 17.76 4.72 13.82
N ASP F 52 16.85 5.54 13.29
CA ASP F 52 16.74 5.85 11.88
C ASP F 52 17.18 7.30 11.64
N PRO F 53 18.41 7.53 11.17
CA PRO F 53 19.06 8.82 10.97
C PRO F 53 18.31 9.74 10.02
N ALA F 54 17.43 9.16 9.18
CA ALA F 54 16.69 9.97 8.24
C ALA F 54 15.79 10.96 8.94
N ASN F 55 15.29 10.59 10.11
CA ASN F 55 14.37 11.43 10.85
C ASN F 55 14.56 11.36 12.36
N ASP F 56 15.69 10.80 12.80
CA ASP F 56 16.00 10.68 14.23
C ASP F 56 14.87 9.93 14.96
N ASN F 57 14.38 8.88 14.33
CA ASN F 57 13.34 8.05 14.92
C ASN F 57 13.99 6.94 15.72
N PHE F 58 13.87 7.01 17.03
CA PHE F 58 14.55 6.06 17.89
C PHE F 58 13.59 5.08 18.53
N LYS F 59 14.12 3.90 18.87
CA LYS F 59 13.38 2.89 19.58
C LYS F 59 14.31 2.11 20.48
N TYR F 60 13.89 1.86 21.73
CA TYR F 60 14.77 1.16 22.66
C TYR F 60 14.10 -0.02 23.32
N ASP F 61 14.92 -0.98 23.73
CA ASP F 61 14.47 -2.06 24.59
C ASP F 61 14.13 -1.42 25.93
N PRO F 62 12.91 -1.60 26.46
CA PRO F 62 12.43 -1.00 27.70
C PRO F 62 13.45 -1.12 28.84
N LYS F 63 14.23 -2.20 28.87
CA LYS F 63 15.20 -2.39 29.93
C LYS F 63 16.20 -1.24 30.05
N PHE F 64 16.56 -0.64 28.92
CA PHE F 64 17.56 0.40 28.92
C PHE F 64 16.96 1.77 28.62
N GLN F 65 15.64 1.87 28.64
CA GLN F 65 14.99 3.12 28.24
C GLN F 65 15.40 4.30 29.10
N GLY F 66 15.61 4.06 30.38
CA GLY F 66 16.02 5.11 31.30
C GLY F 66 17.52 5.07 31.58
N LYS F 67 18.26 4.25 30.81
CA LYS F 67 19.68 4.03 31.05
C LYS F 67 20.57 4.66 29.99
N ALA F 68 20.13 4.62 28.74
CA ALA F 68 20.95 5.11 27.63
C ALA F 68 20.09 5.59 26.47
N THR F 69 20.66 6.49 25.68
CA THR F 69 20.00 6.96 24.47
C THR F 69 20.94 6.90 23.28
N ILE F 70 20.37 6.88 22.08
CA ILE F 70 21.14 6.82 20.85
C ILE F 70 20.86 8.03 19.96
N THR F 71 21.91 8.69 19.49
CA THR F 71 21.78 9.84 18.60
C THR F 71 22.72 9.75 17.39
N THR F 72 22.72 10.78 16.55
CA THR F 72 23.47 10.77 15.31
C THR F 72 23.79 12.12 14.72
N ASP F 73 24.81 12.15 13.88
CA ASP F 73 25.16 13.30 13.05
C ASP F 73 25.29 12.85 11.60
N THR F 74 24.25 13.06 10.82
CA THR F 74 24.22 12.54 9.47
C THR F 74 25.33 13.13 8.62
N SER F 75 25.58 14.42 8.80
CA SER F 75 26.50 15.16 7.95
C SER F 75 27.94 14.66 8.03
N SER F 76 28.26 13.91 9.08
CA SER F 76 29.60 13.38 9.24
C SER F 76 29.61 11.86 9.19
N ASN F 77 28.45 11.27 8.88
CA ASN F 77 28.29 9.81 8.88
C ASN F 77 28.71 9.17 10.20
N THR F 78 28.26 9.74 11.31
CA THR F 78 28.60 9.19 12.61
C THR F 78 27.37 8.83 13.45
N ALA F 79 27.59 8.05 14.51
CA ALA F 79 26.52 7.68 15.43
C ALA F 79 27.06 7.60 16.86
N TYR F 80 26.19 7.92 17.83
CA TYR F 80 26.61 7.95 19.23
C TYR F 80 25.68 7.22 20.18
N LEU F 81 26.26 6.62 21.21
CA LEU F 81 25.52 6.01 22.30
C LEU F 81 25.89 6.69 23.61
N GLN F 82 24.90 7.28 24.26
CA GLN F 82 25.17 7.97 25.51
C GLN F 82 24.62 7.21 26.70
N LEU F 83 25.53 6.81 27.58
CA LEU F 83 25.22 6.03 28.75
C LEU F 83 25.20 6.96 29.95
N SER F 84 24.27 6.76 30.87
CA SER F 84 24.26 7.62 32.05
C SER F 84 24.17 6.81 33.33
N SER F 85 24.58 7.44 34.44
CA SER F 85 24.56 6.79 35.74
C SER F 85 25.25 5.42 35.68
N LEU F 86 26.52 5.45 35.29
CA LEU F 86 27.29 4.22 35.19
C LEU F 86 27.55 3.61 36.57
N THR F 87 27.36 2.28 36.65
CA THR F 87 27.57 1.52 37.90
C THR F 87 28.40 0.30 37.58
N SER F 88 28.62 -0.62 38.51
CA SER F 88 29.52 -1.79 38.29
C SER F 88 29.02 -2.73 37.17
N GLU F 89 27.70 -2.93 37.06
CA GLU F 89 27.12 -3.87 36.06
C GLU F 89 27.49 -3.39 34.66
N ASP F 90 27.55 -2.09 34.43
CA ASP F 90 27.78 -1.53 33.08
C ASP F 90 29.15 -1.92 32.54
N THR F 91 30.09 -2.36 33.37
CA THR F 91 31.37 -2.67 32.72
C THR F 91 31.04 -3.67 31.67
N ALA F 92 31.54 -3.50 30.43
CA ALA F 92 31.09 -4.36 29.32
C ALA F 92 31.77 -4.03 28.02
N VAL F 93 31.31 -4.62 26.93
CA VAL F 93 31.77 -4.23 25.61
C VAL F 93 30.56 -3.86 24.77
N TYR F 94 30.59 -2.68 24.18
CA TYR F 94 29.46 -2.24 23.38
C TYR F 94 29.79 -2.36 21.92
N TYR F 95 28.81 -2.75 21.09
CA TYR F 95 29.03 -2.87 19.67
C TYR F 95 28.11 -1.98 18.87
N CYS F 96 28.66 -1.38 17.82
CA CYS F 96 27.96 -0.62 16.80
C CYS F 96 27.72 -1.58 15.65
N ALA F 97 26.46 -1.71 15.23
CA ALA F 97 26.13 -2.64 14.16
C ALA F 97 25.15 -2.02 13.21
N SER F 98 25.16 -2.45 11.96
CA SER F 98 24.27 -1.87 10.99
C SER F 98 23.77 -2.87 9.97
N VAL F 99 22.68 -2.51 9.32
CA VAL F 99 22.12 -3.35 8.27
C VAL F 99 22.42 -2.74 6.90
N ILE F 100 23.24 -3.42 6.11
CA ILE F 100 23.69 -2.88 4.83
C ILE F 100 23.10 -3.63 3.64
N THR F 101 23.31 -4.94 3.59
CA THR F 101 22.84 -5.74 2.47
C THR F 101 21.63 -6.59 2.85
N THR F 102 21.64 -7.13 4.05
CA THR F 102 20.58 -8.03 4.51
C THR F 102 19.41 -7.21 5.07
N THR F 103 18.89 -6.34 4.22
CA THR F 103 17.85 -5.42 4.63
C THR F 103 16.59 -6.14 5.01
N GLY F 104 16.07 -5.79 6.17
CA GLY F 104 14.83 -6.36 6.68
C GLY F 104 15.03 -7.69 7.40
N TYR F 105 16.25 -8.23 7.39
CA TYR F 105 16.46 -9.54 8.00
C TYR F 105 17.49 -9.60 9.12
N ALA F 106 18.67 -9.00 8.93
CA ALA F 106 19.70 -9.25 9.95
C ALA F 106 20.77 -8.18 10.01
N LEU F 107 21.40 -8.07 11.19
CA LEU F 107 22.56 -7.20 11.36
C LEU F 107 23.64 -7.78 10.50
N ASP F 108 24.29 -6.93 9.73
CA ASP F 108 25.25 -7.33 8.72
C ASP F 108 26.67 -6.97 9.14
N TYR F 109 26.93 -5.67 9.28
CA TYR F 109 28.27 -5.22 9.63
C TYR F 109 28.34 -4.84 11.10
N TRP F 110 29.47 -5.17 11.71
CA TRP F 110 29.72 -4.89 13.11
C TRP F 110 31.04 -4.15 13.27
N GLY F 111 31.11 -3.28 14.26
CA GLY F 111 32.37 -2.66 14.61
C GLY F 111 33.17 -3.64 15.46
N GLN F 112 34.39 -3.29 15.80
CA GLN F 112 35.23 -4.18 16.59
C GLN F 112 34.83 -4.20 18.07
N GLY F 113 34.05 -3.19 18.47
CA GLY F 113 33.56 -3.05 19.83
C GLY F 113 34.43 -2.13 20.69
N THR F 114 33.80 -1.51 21.69
CA THR F 114 34.48 -0.63 22.63
C THR F 114 34.25 -1.07 24.06
N SER F 115 35.30 -1.07 24.87
CA SER F 115 35.17 -1.51 26.25
C SER F 115 35.11 -0.33 27.21
N VAL F 116 34.06 -0.31 28.02
CA VAL F 116 33.91 0.71 29.06
C VAL F 116 33.79 0.02 30.41
N THR F 117 34.56 0.51 31.36
CA THR F 117 34.58 -0.10 32.68
C THR F 117 34.27 0.94 33.75
N VAL F 118 33.72 0.47 34.86
CA VAL F 118 33.43 1.35 35.97
C VAL F 118 34.14 0.86 37.22
N SER F 119 34.88 1.76 37.87
CA SER F 119 35.64 1.36 39.06
C SER F 119 35.85 2.53 40.01
N SER F 120 36.20 2.23 41.27
CA SER F 120 36.50 3.24 42.30
C SER F 120 37.99 3.55 42.29
N ASN G 135 19.40 -3.08 -10.95
CA ASN G 135 18.08 -2.68 -10.47
C ASN G 135 17.21 -3.86 -9.98
N ALA G 136 17.68 -5.11 -10.17
CA ALA G 136 16.91 -6.32 -9.80
C ALA G 136 16.62 -6.35 -8.29
N GLN G 137 17.54 -5.85 -7.48
CA GLN G 137 17.33 -5.80 -6.05
C GLN G 137 16.23 -4.80 -5.71
N ALA G 138 16.16 -3.71 -6.46
CA ALA G 138 15.13 -2.69 -6.22
C ALA G 138 13.76 -3.29 -6.47
N ILE G 139 13.68 -4.16 -7.47
CA ILE G 139 12.41 -4.80 -7.80
C ILE G 139 12.01 -5.71 -6.65
N ALA G 140 12.98 -6.49 -6.16
CA ALA G 140 12.73 -7.41 -5.06
C ALA G 140 12.31 -6.67 -3.79
N ASN G 141 12.93 -5.52 -3.54
CA ASN G 141 12.63 -4.78 -2.32
C ASN G 141 11.25 -4.14 -2.40
N MET G 142 10.88 -3.62 -3.57
CA MET G 142 9.56 -3.03 -3.71
C MET G 142 8.49 -4.08 -3.58
N LYS G 143 8.74 -5.27 -4.12
CA LYS G 143 7.77 -6.34 -4.00
C LYS G 143 7.54 -6.71 -2.54
N ASN G 144 8.62 -6.84 -1.78
CA ASN G 144 8.47 -7.17 -0.37
C ASN G 144 7.80 -6.05 0.40
N ALA G 145 8.11 -4.81 0.02
CA ALA G 145 7.50 -3.67 0.70
C ALA G 145 5.99 -3.63 0.44
N ILE G 146 5.56 -3.92 -0.77
CA ILE G 146 4.14 -3.92 -1.11
C ILE G 146 3.42 -5.01 -0.33
N GLN G 147 4.00 -6.20 -0.28
CA GLN G 147 3.37 -7.29 0.43
C GLN G 147 3.17 -6.96 1.91
N ASN G 148 4.13 -6.30 2.53
CA ASN G 148 3.96 -5.93 3.93
C ASN G 148 2.88 -4.84 4.09
N THR G 149 2.77 -3.95 3.10
CA THR G 149 1.72 -2.94 3.16
C THR G 149 0.36 -3.64 3.13
N ASN G 150 0.21 -4.63 2.26
CA ASN G 150 -1.05 -5.34 2.14
C ASN G 150 -1.42 -6.09 3.41
N GLU G 151 -0.42 -6.63 4.10
CA GLU G 151 -0.71 -7.33 5.35
C GLU G 151 -1.20 -6.35 6.41
N ALA G 152 -0.64 -5.14 6.41
CA ALA G 152 -1.07 -4.13 7.38
C ALA G 152 -2.53 -3.77 7.11
N VAL G 153 -2.91 -3.71 5.84
CA VAL G 153 -4.28 -3.39 5.49
C VAL G 153 -5.23 -4.48 5.99
N LYS G 154 -4.84 -5.74 5.81
CA LYS G 154 -5.66 -6.84 6.29
C LYS G 154 -5.89 -6.73 7.79
N GLN G 155 -4.85 -6.35 8.53
CA GLN G 155 -4.98 -6.24 9.98
C GLN G 155 -5.94 -5.10 10.37
N LEU G 156 -5.93 -4.00 9.61
CA LEU G 156 -6.89 -2.94 9.94
C LEU G 156 -8.31 -3.41 9.65
N GLN G 157 -8.50 -4.16 8.58
CA GLN G 157 -9.84 -4.64 8.29
C GLN G 157 -10.36 -5.48 9.45
N LEU G 158 -9.51 -6.34 9.99
CA LEU G 158 -9.90 -7.19 11.10
C LEU G 158 -10.26 -6.35 12.31
N ALA G 159 -9.50 -5.29 12.54
CA ALA G 159 -9.77 -4.40 13.67
C ALA G 159 -11.15 -3.77 13.52
N ASN G 160 -11.54 -3.46 12.29
CA ASN G 160 -12.82 -2.82 12.05
C ASN G 160 -13.98 -3.78 12.26
N LYS G 161 -13.78 -5.05 11.91
CA LYS G 161 -14.83 -6.04 12.13
C LYS G 161 -15.03 -6.27 13.62
N GLN G 162 -13.93 -6.27 14.37
CA GLN G 162 -13.98 -6.45 15.81
C GLN G 162 -14.64 -5.24 16.47
N THR G 163 -14.39 -4.04 15.92
CA THR G 163 -14.99 -2.83 16.43
C THR G 163 -16.51 -2.89 16.29
N LEU G 164 -16.99 -3.38 15.15
CA LEU G 164 -18.43 -3.50 14.96
C LEU G 164 -19.02 -4.47 15.96
N ALA G 165 -18.31 -5.55 16.26
CA ALA G 165 -18.79 -6.50 17.24
C ALA G 165 -18.97 -5.82 18.59
N VAL G 166 -18.05 -4.92 18.94
CA VAL G 166 -18.13 -4.19 20.20
C VAL G 166 -19.32 -3.24 20.20
N ILE G 167 -19.52 -2.53 19.09
CA ILE G 167 -20.63 -1.60 18.98
C ILE G 167 -21.95 -2.33 19.11
N ASP G 168 -22.05 -3.48 18.44
CA ASP G 168 -23.27 -4.26 18.49
C ASP G 168 -23.49 -4.84 19.89
N THR G 169 -22.41 -5.20 20.59
CA THR G 169 -22.53 -5.70 21.95
C THR G 169 -23.13 -4.65 22.88
N ILE G 170 -22.64 -3.41 22.75
CA ILE G 170 -23.17 -2.32 23.56
C ILE G 170 -24.62 -2.05 23.20
N ARG G 171 -24.92 -2.01 21.90
CA ARG G 171 -26.29 -1.81 21.46
C ARG G 171 -27.19 -2.88 22.03
N GLY G 172 -26.70 -4.11 22.03
CA GLY G 172 -27.42 -5.26 22.53
C GLY G 172 -27.85 -5.05 23.97
N GLU G 173 -26.91 -4.70 24.85
CA GLU G 173 -27.23 -4.51 26.26
C GLU G 173 -28.22 -3.35 26.45
N ILE G 174 -28.06 -2.29 25.69
CA ILE G 174 -28.97 -1.16 25.83
C ILE G 174 -30.37 -1.57 25.41
N ASN G 175 -30.46 -2.22 24.27
CA ASN G 175 -31.74 -2.63 23.70
C ASN G 175 -32.41 -3.76 24.50
N ASN G 176 -31.62 -4.63 25.10
CA ASN G 176 -32.15 -5.77 25.82
C ASN G 176 -32.53 -5.49 27.27
N ASN G 177 -31.75 -4.66 27.97
CA ASN G 177 -32.03 -4.40 29.38
C ASN G 177 -32.35 -2.95 29.71
N ILE G 178 -31.53 -2.02 29.26
CA ILE G 178 -31.75 -0.63 29.66
C ILE G 178 -33.08 -0.07 29.17
N ILE G 179 -33.37 -0.24 27.89
CA ILE G 179 -34.61 0.32 27.38
C ILE G 179 -35.87 -0.30 27.99
N PRO G 180 -36.06 -1.64 27.98
CA PRO G 180 -37.18 -2.34 28.62
C PRO G 180 -37.40 -1.97 30.08
N VAL G 181 -36.33 -1.82 30.86
CA VAL G 181 -36.51 -1.49 32.26
C VAL G 181 -37.02 -0.08 32.44
N ILE G 182 -36.46 0.86 31.66
CA ILE G 182 -36.92 2.23 31.78
C ILE G 182 -38.39 2.32 31.38
N ASN G 183 -38.76 1.61 30.33
CA ASN G 183 -40.14 1.62 29.88
C ASN G 183 -41.09 1.06 30.93
N GLN G 184 -40.64 0.06 31.71
CA GLN G 184 -41.45 -0.50 32.78
C GLN G 184 -41.59 0.49 33.92
N LEU G 185 -40.51 1.20 34.25
CA LEU G 185 -40.55 2.23 35.29
C LEU G 185 -41.46 3.41 34.91
N SER G 186 -41.42 3.81 33.63
CA SER G 186 -42.24 4.88 33.07
C SER G 186 -43.58 4.32 32.61
N LYS G 448 -25.37 14.74 29.94
CA LYS G 448 -25.45 14.45 28.51
C LYS G 448 -24.15 13.86 28.01
N ILE G 449 -24.21 13.13 26.90
CA ILE G 449 -22.98 12.57 26.34
C ILE G 449 -22.40 13.48 25.28
N ASP G 450 -21.29 14.12 25.62
CA ASP G 450 -20.65 15.07 24.72
C ASP G 450 -19.29 14.57 24.26
N ILE G 451 -19.22 14.14 23.01
CA ILE G 451 -17.98 13.62 22.43
C ILE G 451 -17.63 14.40 21.17
N GLY G 452 -18.21 15.58 21.02
CA GLY G 452 -18.03 16.36 19.80
C GLY G 452 -16.58 16.64 19.47
N ASN G 453 -15.76 16.83 20.50
CA ASN G 453 -14.35 17.10 20.29
C ASN G 453 -13.60 15.86 19.83
N GLN G 454 -14.08 14.68 20.21
CA GLN G 454 -13.39 13.46 19.84
C GLN G 454 -13.73 13.11 18.42
N LEU G 455 -14.97 13.35 18.03
CA LEU G 455 -15.40 13.05 16.68
C LEU G 455 -14.71 13.98 15.70
N ALA G 456 -14.49 15.23 16.11
CA ALA G 456 -13.79 16.18 15.27
C ALA G 456 -12.36 15.72 15.02
N GLY G 457 -11.71 15.21 16.07
CA GLY G 457 -10.35 14.72 15.95
C GLY G 457 -10.28 13.54 14.98
N ILE G 458 -11.26 12.64 15.07
CA ILE G 458 -11.27 11.49 14.18
C ILE G 458 -11.47 11.92 12.73
N ASN G 459 -12.41 12.87 12.47
CA ASN G 459 -12.68 13.37 11.12
C ASN G 459 -11.41 13.90 10.44
N GLN G 460 -10.57 14.67 11.19
CA GLN G 460 -9.31 15.20 10.65
C GLN G 460 -8.29 14.09 10.37
N THR G 461 -8.22 13.09 11.23
CA THR G 461 -7.30 11.99 11.03
C THR G 461 -7.68 11.22 9.76
N LEU G 462 -8.98 10.99 9.57
CA LEU G 462 -9.41 10.29 8.37
C LEU G 462 -9.12 11.13 7.13
N GLN G 463 -9.29 12.45 7.23
CA GLN G 463 -8.98 13.31 6.10
C GLN G 463 -7.52 13.23 5.72
N ASN G 464 -6.64 13.14 6.70
CA ASN G 464 -5.22 13.06 6.40
C ASN G 464 -4.95 11.82 5.56
N ALA G 465 -5.65 10.73 5.85
CA ALA G 465 -5.46 9.49 5.11
C ALA G 465 -5.80 9.72 3.64
N GLU G 466 -6.82 10.55 3.39
CA GLU G 466 -7.21 10.87 2.02
C GLU G 466 -6.13 11.70 1.34
N ASP G 467 -5.57 12.65 2.05
CA ASP G 467 -4.53 13.51 1.47
C ASP G 467 -3.31 12.70 1.04
N TYR G 468 -2.97 11.66 1.81
CA TYR G 468 -1.83 10.82 1.47
C TYR G 468 -2.10 9.91 0.29
N ILE G 469 -3.30 9.34 0.20
CA ILE G 469 -3.58 8.50 -0.95
C ILE G 469 -3.59 9.31 -2.22
N GLU G 470 -4.18 10.50 -2.18
CA GLU G 470 -4.21 11.33 -3.38
C GLU G 470 -2.79 11.60 -3.88
N LYS G 471 -1.86 11.88 -2.96
CA LYS G 471 -0.49 12.12 -3.36
C LYS G 471 0.16 10.86 -3.96
N SER G 472 -0.20 9.70 -3.43
CA SER G 472 0.33 8.44 -3.93
C SER G 472 -0.04 8.26 -5.40
N GLU G 473 -1.29 8.54 -5.73
CA GLU G 473 -1.77 8.41 -7.10
C GLU G 473 -1.04 9.37 -8.06
N GLU G 474 -0.75 10.58 -7.60
CA GLU G 474 -0.07 11.53 -8.46
C GLU G 474 1.30 11.01 -8.86
N PHE G 475 2.01 10.38 -7.94
CA PHE G 475 3.33 9.86 -8.25
C PHE G 475 3.26 8.70 -9.24
N LEU G 476 2.26 7.85 -9.09
CA LEU G 476 2.14 6.70 -9.98
C LEU G 476 1.94 7.10 -11.44
N LYS G 477 1.29 8.22 -11.69
CA LYS G 477 1.09 8.65 -13.08
C LYS G 477 2.40 8.93 -13.80
N GLY G 478 3.48 9.16 -13.05
CA GLY G 478 4.76 9.49 -13.65
C GLY G 478 5.51 8.26 -14.16
N ILE G 479 4.95 7.08 -13.91
CA ILE G 479 5.56 5.82 -14.33
C ILE G 479 5.37 5.58 -15.83
N ASN G 480 4.18 5.84 -16.35
CA ASN G 480 3.92 5.58 -17.78
C ASN G 480 5.01 6.20 -18.70
N PRO G 481 5.41 7.51 -18.57
CA PRO G 481 6.54 8.14 -19.27
C PRO G 481 7.84 7.33 -19.08
N ASN H 135 14.32 3.60 -16.96
CA ASN H 135 13.38 3.07 -15.97
C ASN H 135 13.67 3.54 -14.53
N ALA H 136 14.80 4.27 -14.31
CA ALA H 136 15.21 4.73 -12.97
C ALA H 136 14.16 5.66 -12.36
N GLN H 137 13.50 6.46 -13.18
CA GLN H 137 12.46 7.34 -12.69
C GLN H 137 11.25 6.54 -12.23
N ALA H 138 10.97 5.44 -12.91
CA ALA H 138 9.83 4.60 -12.54
C ALA H 138 10.07 4.01 -11.16
N ILE H 139 11.33 3.69 -10.87
CA ILE H 139 11.67 3.12 -9.58
C ILE H 139 11.46 4.18 -8.51
N ALA H 140 11.93 5.39 -8.77
CA ALA H 140 11.79 6.49 -7.84
C ALA H 140 10.31 6.81 -7.59
N ASN H 141 9.49 6.75 -8.62
CA ASN H 141 8.09 7.11 -8.47
C ASN H 141 7.34 6.03 -7.69
N MET H 142 7.65 4.77 -7.93
CA MET H 142 7.01 3.70 -7.18
C MET H 142 7.39 3.76 -5.73
N LYS H 143 8.65 4.09 -5.44
CA LYS H 143 9.08 4.20 -4.06
C LYS H 143 8.30 5.30 -3.35
N ASN H 144 8.16 6.46 -3.99
CA ASN H 144 7.43 7.54 -3.35
C ASN H 144 5.96 7.19 -3.20
N ALA H 145 5.41 6.48 -4.19
CA ALA H 145 4.01 6.10 -4.11
C ALA H 145 3.77 5.13 -2.96
N ILE H 146 4.68 4.19 -2.73
CA ILE H 146 4.54 3.22 -1.64
C ILE H 146 4.61 3.93 -0.31
N GLN H 147 5.55 4.86 -0.16
CA GLN H 147 5.69 5.58 1.09
C GLN H 147 4.43 6.36 1.44
N ASN H 148 3.79 6.97 0.45
CA ASN H 148 2.57 7.70 0.74
C ASN H 148 1.42 6.73 1.09
N THR H 149 1.41 5.54 0.49
CA THR H 149 0.41 4.55 0.85
C THR H 149 0.57 4.18 2.32
N ASN H 150 1.81 3.97 2.75
CA ASN H 150 2.07 3.58 4.13
C ASN H 150 1.66 4.67 5.11
N GLU H 151 1.84 5.93 4.74
CA GLU H 151 1.43 7.00 5.63
C GLU H 151 -0.09 7.03 5.78
N ALA H 152 -0.79 6.73 4.69
CA ALA H 152 -2.25 6.70 4.76
C ALA H 152 -2.71 5.60 5.70
N VAL H 153 -2.00 4.48 5.69
CA VAL H 153 -2.33 3.37 6.57
C VAL H 153 -2.14 3.77 8.03
N LYS H 154 -1.04 4.45 8.31
CA LYS H 154 -0.79 4.92 9.67
C LYS H 154 -1.92 5.81 10.16
N GLN H 155 -2.42 6.68 9.29
CA GLN H 155 -3.49 7.58 9.67
C GLN H 155 -4.78 6.82 9.97
N LEU H 156 -5.06 5.75 9.21
CA LEU H 156 -6.26 4.99 9.53
C LEU H 156 -6.10 4.28 10.87
N GLN H 157 -4.91 3.79 11.17
CA GLN H 157 -4.71 3.14 12.45
C GLN H 157 -5.02 4.11 13.58
N LEU H 158 -4.56 5.35 13.46
CA LEU H 158 -4.81 6.33 14.49
C LEU H 158 -6.29 6.61 14.63
N ALA H 159 -7.00 6.65 13.51
CA ALA H 159 -8.43 6.88 13.54
C ALA H 159 -9.13 5.76 14.31
N ASN H 160 -8.63 4.54 14.18
CA ASN H 160 -9.24 3.40 14.85
C ASN H 160 -9.00 3.44 16.36
N LYS H 161 -7.82 3.90 16.77
CA LYS H 161 -7.53 4.01 18.18
C LYS H 161 -8.41 5.08 18.82
N GLN H 162 -8.63 6.17 18.09
CA GLN H 162 -9.47 7.25 18.57
C GLN H 162 -10.93 6.79 18.64
N THR H 163 -11.35 5.95 17.69
CA THR H 163 -12.69 5.40 17.67
C THR H 163 -12.93 4.57 18.92
N LEU H 164 -11.95 3.76 19.31
CA LEU H 164 -12.11 2.95 20.51
C LEU H 164 -12.23 3.82 21.74
N ALA H 165 -11.49 4.92 21.77
CA ALA H 165 -11.59 5.84 22.89
C ALA H 165 -13.02 6.38 23.01
N VAL H 166 -13.65 6.66 21.86
CA VAL H 166 -15.02 7.15 21.85
C VAL H 166 -16.00 6.08 22.33
N ILE H 167 -15.81 4.85 21.87
CA ILE H 167 -16.67 3.75 22.29
C ILE H 167 -16.57 3.52 23.78
N ASP H 168 -15.34 3.56 24.30
CA ASP H 168 -15.13 3.36 25.71
C ASP H 168 -15.71 4.52 26.52
N THR H 169 -15.65 5.74 25.99
CA THR H 169 -16.23 6.89 26.67
C THR H 169 -17.74 6.72 26.83
N ILE H 170 -18.40 6.28 25.76
CA ILE H 170 -19.84 6.06 25.82
C ILE H 170 -20.15 4.94 26.79
N ARG H 171 -19.40 3.84 26.71
CA ARG H 171 -19.59 2.73 27.63
C ARG H 171 -19.44 3.20 29.07
N GLY H 172 -18.45 4.05 29.29
CA GLY H 172 -18.16 4.60 30.60
C GLY H 172 -19.37 5.31 31.18
N GLU H 173 -19.96 6.24 30.43
CA GLU H 173 -21.11 6.98 30.94
C GLU H 173 -22.30 6.06 31.20
N ILE H 174 -22.51 5.07 30.34
CA ILE H 174 -23.62 4.16 30.53
C ILE H 174 -23.41 3.35 31.80
N ASN H 175 -22.21 2.81 31.95
CA ASN H 175 -21.88 1.96 33.07
C ASN H 175 -21.78 2.73 34.40
N ASN H 176 -21.36 3.98 34.34
CA ASN H 176 -21.17 4.78 35.53
C ASN H 176 -22.43 5.48 36.04
N ASN H 177 -23.28 5.97 35.14
CA ASN H 177 -24.47 6.71 35.57
C ASN H 177 -25.79 6.06 35.16
N ILE H 178 -25.94 5.71 33.89
CA ILE H 178 -27.24 5.19 33.44
C ILE H 178 -27.64 3.90 34.14
N ILE H 179 -26.76 2.94 34.16
CA ILE H 179 -27.11 1.66 34.78
C ILE H 179 -27.39 1.76 36.28
N PRO H 180 -26.50 2.31 37.13
CA PRO H 180 -26.71 2.53 38.56
C PRO H 180 -28.00 3.28 38.90
N VAL H 181 -28.35 4.30 38.12
CA VAL H 181 -29.56 5.05 38.43
C VAL H 181 -30.80 4.22 38.15
N ILE H 182 -30.81 3.50 37.04
CA ILE H 182 -31.97 2.68 36.72
C ILE H 182 -32.13 1.61 37.80
N ASN H 183 -31.02 1.02 38.23
CA ASN H 183 -31.08 -0.01 39.25
C ASN H 183 -31.62 0.53 40.57
N GLN H 184 -31.32 1.80 40.90
CA GLN H 184 -31.85 2.41 42.11
C GLN H 184 -33.34 2.67 41.99
N LEU H 185 -33.78 3.11 40.81
CA LEU H 185 -35.21 3.33 40.54
C LEU H 185 -36.02 2.02 40.60
N SER H 186 -35.44 0.93 40.06
CA SER H 186 -36.03 -0.40 40.04
C SER H 186 -35.66 -1.14 41.33
N LYS H 448 -36.64 1.16 20.34
CA LYS H 448 -35.52 0.24 20.21
C LYS H 448 -34.43 0.84 19.32
N ILE H 449 -33.20 0.37 19.49
CA ILE H 449 -32.13 0.88 18.64
C ILE H 449 -31.92 -0.02 17.44
N ASP H 450 -32.32 0.46 16.27
CA ASP H 450 -32.22 -0.31 15.04
C ASP H 450 -31.23 0.31 14.07
N ILE H 451 -30.07 -0.34 13.93
CA ILE H 451 -29.02 0.13 13.06
C ILE H 451 -28.63 -0.96 12.07
N GLY H 452 -29.51 -1.94 11.90
CA GLY H 452 -29.20 -3.10 11.06
C GLY H 452 -28.82 -2.71 9.64
N ASN H 453 -29.43 -1.67 9.12
CA ASN H 453 -29.13 -1.23 7.76
C ASN H 453 -27.75 -0.58 7.68
N GLN H 454 -27.31 0.03 8.77
CA GLN H 454 -26.03 0.71 8.75
C GLN H 454 -24.91 -0.30 8.86
N LEU H 455 -25.14 -1.32 9.68
CA LEU H 455 -24.14 -2.35 9.87
C LEU H 455 -23.97 -3.16 8.59
N ALA H 456 -25.07 -3.35 7.86
CA ALA H 456 -24.99 -4.07 6.60
C ALA H 456 -24.15 -3.29 5.60
N GLY H 457 -24.33 -1.96 5.57
CA GLY H 457 -23.56 -1.12 4.68
C GLY H 457 -22.07 -1.19 5.00
N ILE H 458 -21.74 -1.19 6.29
CA ILE H 458 -20.34 -1.26 6.69
C ILE H 458 -19.73 -2.61 6.29
N ASN H 459 -20.47 -3.73 6.51
CA ASN H 459 -19.99 -5.07 6.15
C ASN H 459 -19.59 -5.17 4.67
N GLN H 460 -20.42 -4.59 3.76
CA GLN H 460 -20.11 -4.58 2.33
C GLN H 460 -18.89 -3.73 1.99
N THR H 461 -18.75 -2.60 2.66
CA THR H 461 -17.60 -1.73 2.42
C THR H 461 -16.32 -2.45 2.83
N LEU H 462 -16.35 -3.13 3.96
CA LEU H 462 -15.17 -3.86 4.40
C LEU H 462 -14.87 -5.00 3.44
N GLN H 463 -15.90 -5.66 2.93
CA GLN H 463 -15.69 -6.73 1.96
C GLN H 463 -15.02 -6.22 0.70
N ASN H 464 -15.37 -5.02 0.26
CA ASN H 464 -14.75 -4.48 -0.94
C ASN H 464 -13.26 -4.33 -0.72
N ALA H 465 -12.86 -3.95 0.49
CA ALA H 465 -11.45 -3.78 0.79
C ALA H 465 -10.73 -5.11 0.60
N GLU H 466 -11.40 -6.20 0.96
CA GLU H 466 -10.81 -7.53 0.79
C GLU H 466 -10.66 -7.88 -0.68
N ASP H 467 -11.68 -7.55 -1.47
CA ASP H 467 -11.63 -7.85 -2.89
C ASP H 467 -10.46 -7.14 -3.59
N TYR H 468 -10.16 -5.91 -3.15
CA TYR H 468 -9.06 -5.16 -3.73
C TYR H 468 -7.70 -5.69 -3.31
N ILE H 469 -7.54 -6.08 -2.06
CA ILE H 469 -6.25 -6.64 -1.66
C ILE H 469 -5.99 -7.95 -2.37
N GLU H 470 -7.00 -8.79 -2.50
CA GLU H 470 -6.80 -10.06 -3.18
C GLU H 470 -6.29 -9.82 -4.60
N LYS H 471 -6.86 -8.83 -5.30
CA LYS H 471 -6.42 -8.55 -6.66
C LYS H 471 -4.98 -8.03 -6.67
N SER H 472 -4.60 -7.27 -5.65
CA SER H 472 -3.24 -6.74 -5.56
C SER H 472 -2.24 -7.88 -5.51
N GLU H 473 -2.54 -8.89 -4.70
CA GLU H 473 -1.66 -10.04 -4.56
C GLU H 473 -1.51 -10.82 -5.88
N GLU H 474 -2.60 -10.93 -6.63
CA GLU H 474 -2.52 -11.66 -7.89
C GLU H 474 -1.54 -10.99 -8.85
N PHE H 475 -1.54 -9.66 -8.89
CA PHE H 475 -0.63 -8.96 -9.78
C PHE H 475 0.83 -9.14 -9.35
N LEU H 476 1.08 -9.12 -8.06
CA LEU H 476 2.45 -9.26 -7.57
C LEU H 476 3.09 -10.59 -7.96
N LYS H 477 2.30 -11.65 -8.06
CA LYS H 477 2.86 -12.94 -8.45
C LYS H 477 3.48 -12.92 -9.84
N GLY H 478 3.10 -11.96 -10.67
CA GLY H 478 3.57 -11.89 -12.04
C GLY H 478 4.97 -11.26 -12.14
N ILE H 479 5.50 -10.81 -11.01
CA ILE H 479 6.82 -10.19 -10.95
C ILE H 479 7.94 -11.22 -11.04
N ASN H 480 7.80 -12.33 -10.31
CA ASN H 480 8.86 -13.34 -10.31
C ASN H 480 9.31 -13.75 -11.73
N PRO H 481 8.41 -14.09 -12.71
CA PRO H 481 8.71 -14.32 -14.12
C PRO H 481 9.47 -13.13 -14.74
N ASN I 135 12.33 -6.50 -17.65
CA ASN I 135 11.80 -6.03 -16.37
C ASN I 135 10.59 -5.07 -16.51
N ALA I 136 10.23 -4.70 -17.75
CA ALA I 136 9.11 -3.77 -18.02
C ALA I 136 7.79 -4.33 -17.50
N GLN I 137 7.60 -5.64 -17.56
CA GLN I 137 6.39 -6.24 -17.04
C GLN I 137 6.34 -6.14 -15.52
N ALA I 138 7.51 -6.23 -14.88
CA ALA I 138 7.56 -6.13 -13.42
C ALA I 138 7.12 -4.74 -12.99
N ILE I 139 7.48 -3.75 -13.79
CA ILE I 139 7.10 -2.38 -13.48
C ILE I 139 5.59 -2.25 -13.60
N ALA I 140 5.04 -2.78 -14.67
CA ALA I 140 3.61 -2.73 -14.89
C ALA I 140 2.83 -3.45 -13.80
N ASN I 141 3.37 -4.58 -13.34
CA ASN I 141 2.66 -5.36 -12.32
C ASN I 141 2.70 -4.66 -10.97
N MET I 142 3.84 -4.06 -10.63
CA MET I 142 3.92 -3.35 -9.37
C MET I 142 3.01 -2.14 -9.38
N LYS I 143 2.91 -1.46 -10.51
CA LYS I 143 2.02 -0.31 -10.60
C LYS I 143 0.58 -0.73 -10.36
N ASN I 144 0.15 -1.82 -10.99
CA ASN I 144 -1.21 -2.27 -10.81
C ASN I 144 -1.44 -2.75 -9.37
N ALA I 145 -0.42 -3.38 -8.78
CA ALA I 145 -0.55 -3.84 -7.42
C ALA I 145 -0.70 -2.68 -6.45
N ILE I 146 0.04 -1.59 -6.65
CA ILE I 146 -0.04 -0.43 -5.79
C ILE I 146 -1.41 0.21 -5.90
N GLN I 147 -1.91 0.34 -7.13
CA GLN I 147 -3.21 0.95 -7.31
C GLN I 147 -4.31 0.18 -6.59
N ASN I 148 -4.25 -1.15 -6.61
CA ASN I 148 -5.26 -1.92 -5.91
C ASN I 148 -5.10 -1.77 -4.39
N THR I 149 -3.87 -1.63 -3.92
CA THR I 149 -3.67 -1.41 -2.49
C THR I 149 -4.34 -0.10 -2.08
N ASN I 150 -4.16 0.94 -2.90
CA ASN I 150 -4.74 2.24 -2.58
C ASN I 150 -6.26 2.20 -2.57
N GLU I 151 -6.86 1.41 -3.45
CA GLU I 151 -8.31 1.31 -3.47
C GLU I 151 -8.81 0.63 -2.20
N ALA I 152 -8.05 -0.36 -1.71
CA ALA I 152 -8.45 -1.03 -0.49
C ALA I 152 -8.41 -0.06 0.68
N VAL I 153 -7.44 0.84 0.68
CA VAL I 153 -7.32 1.83 1.74
C VAL I 153 -8.52 2.77 1.71
N LYS I 154 -8.91 3.20 0.51
CA LYS I 154 -10.08 4.07 0.39
C LYS I 154 -11.32 3.40 0.97
N GLN I 155 -11.47 2.10 0.73
CA GLN I 155 -12.64 1.40 1.24
C GLN I 155 -12.63 1.32 2.76
N LEU I 156 -11.45 1.16 3.36
CA LEU I 156 -11.42 1.15 4.82
C LEU I 156 -11.77 2.53 5.37
N GLN I 157 -11.32 3.58 4.71
CA GLN I 157 -11.66 4.91 5.19
C GLN I 157 -13.18 5.08 5.21
N LEU I 158 -13.85 4.62 4.16
CA LEU I 158 -15.29 4.74 4.09
C LEU I 158 -15.95 3.96 5.21
N ALA I 159 -15.41 2.79 5.51
CA ALA I 159 -15.95 1.97 6.58
C ALA I 159 -15.85 2.70 7.91
N ASN I 160 -14.78 3.46 8.10
CA ASN I 160 -14.59 4.18 9.35
C ASN I 160 -15.55 5.35 9.49
N LYS I 161 -15.84 6.02 8.38
CA LYS I 161 -16.79 7.12 8.41
C LYS I 161 -18.19 6.60 8.74
N GLN I 162 -18.52 5.44 8.18
CA GLN I 162 -19.81 4.82 8.43
C GLN I 162 -19.90 4.36 9.89
N THR I 163 -18.79 3.89 10.43
CA THR I 163 -18.73 3.45 11.82
C THR I 163 -19.04 4.62 12.74
N LEU I 164 -18.47 5.79 12.44
CA LEU I 164 -18.74 6.96 13.28
C LEU I 164 -20.20 7.33 13.22
N ALA I 165 -20.81 7.21 12.05
CA ALA I 165 -22.23 7.50 11.92
C ALA I 165 -23.05 6.59 12.84
N VAL I 166 -22.64 5.33 12.95
CA VAL I 166 -23.32 4.38 13.82
C VAL I 166 -23.14 4.75 15.29
N ILE I 167 -21.92 5.12 15.66
CA ILE I 167 -21.64 5.51 17.04
C ILE I 167 -22.44 6.73 17.42
N ASP I 168 -22.50 7.70 16.52
CA ASP I 168 -23.25 8.91 16.77
C ASP I 168 -24.75 8.62 16.85
N THR I 169 -25.24 7.68 16.04
CA THR I 169 -26.64 7.32 16.08
C THR I 169 -27.02 6.74 17.45
N ILE I 170 -26.16 5.85 17.97
CA ILE I 170 -26.41 5.28 19.28
C ILE I 170 -26.34 6.36 20.35
N ARG I 171 -25.33 7.21 20.28
CA ARG I 171 -25.20 8.30 21.23
C ARG I 171 -26.45 9.17 21.21
N GLY I 172 -26.94 9.42 20.00
CA GLY I 172 -28.12 10.24 19.79
C GLY I 172 -29.31 9.69 20.55
N GLU I 173 -29.62 8.41 20.38
CA GLU I 173 -30.77 7.81 21.07
C GLU I 173 -30.59 7.84 22.58
N ILE I 174 -29.37 7.61 23.06
CA ILE I 174 -29.14 7.62 24.49
C ILE I 174 -29.36 9.02 25.04
N ASN I 175 -28.78 10.01 24.36
CA ASN I 175 -28.85 11.39 24.78
C ASN I 175 -30.24 12.00 24.62
N ASN I 176 -30.98 11.56 23.62
CA ASN I 176 -32.29 12.12 23.33
C ASN I 176 -33.44 11.49 24.13
N ASN I 177 -33.39 10.18 24.36
CA ASN I 177 -34.50 9.53 25.06
C ASN I 177 -34.10 8.88 26.38
N ILE I 178 -33.05 8.07 26.40
CA ILE I 178 -32.73 7.35 27.62
C ILE I 178 -32.37 8.26 28.79
N ILE I 179 -31.48 9.21 28.56
CA ILE I 179 -31.09 10.07 29.66
C ILE I 179 -32.23 10.96 30.19
N PRO I 180 -32.95 11.74 29.37
CA PRO I 180 -34.10 12.54 29.77
C PRO I 180 -35.19 11.76 30.52
N VAL I 181 -35.48 10.54 30.10
CA VAL I 181 -36.51 9.77 30.78
C VAL I 181 -36.06 9.35 32.17
N ILE I 182 -34.81 8.90 32.29
CA ILE I 182 -34.32 8.49 33.58
C ILE I 182 -34.32 9.69 34.52
N ASN I 183 -33.91 10.84 34.02
CA ASN I 183 -33.88 12.05 34.83
C ASN I 183 -35.27 12.44 35.32
N GLN I 184 -36.30 12.22 34.49
CA GLN I 184 -37.68 12.51 34.89
C GLN I 184 -38.15 11.54 35.97
N LEU I 185 -37.78 10.26 35.82
CA LEU I 185 -38.13 9.24 36.82
C LEU I 185 -37.45 9.50 38.17
N SER I 186 -36.17 9.95 38.13
CA SER I 186 -35.37 10.28 39.30
C SER I 186 -35.62 11.75 39.68
N LYS I 448 -23.54 -4.78 34.36
CA LYS I 448 -22.52 -3.85 33.88
C LYS I 448 -22.09 -4.21 32.46
N ILE I 449 -21.56 -3.25 31.74
CA ILE I 449 -21.08 -3.55 30.38
C ILE I 449 -19.59 -3.85 30.40
N ASP I 450 -19.26 -5.12 30.20
CA ASP I 450 -17.88 -5.57 30.23
C ASP I 450 -17.42 -6.05 28.86
N ILE I 451 -16.58 -5.25 28.22
CA ILE I 451 -16.06 -5.57 26.90
C ILE I 451 -14.54 -5.53 26.92
N GLY I 452 -13.96 -5.62 28.10
CA GLY I 452 -12.51 -5.49 28.25
C GLY I 452 -11.74 -6.50 27.40
N ASN I 453 -12.29 -7.70 27.24
CA ASN I 453 -11.62 -8.71 26.45
C ASN I 453 -11.67 -8.39 24.95
N GLN I 454 -12.72 -7.68 24.53
CA GLN I 454 -12.86 -7.38 23.12
C GLN I 454 -11.94 -6.24 22.75
N LEU I 455 -11.82 -5.28 23.66
CA LEU I 455 -10.97 -4.12 23.42
C LEU I 455 -9.51 -4.56 23.39
N ALA I 456 -9.17 -5.54 24.22
CA ALA I 456 -7.80 -6.05 24.23
C ALA I 456 -7.48 -6.72 22.90
N GLY I 457 -8.44 -7.47 22.36
CA GLY I 457 -8.25 -8.12 21.07
C GLY I 457 -8.03 -7.10 19.96
N ILE I 458 -8.81 -6.02 20.00
CA ILE I 458 -8.67 -4.98 18.97
C ILE I 458 -7.31 -4.30 19.07
N ASN I 459 -6.85 -3.97 20.31
CA ASN I 459 -5.55 -3.33 20.53
C ASN I 459 -4.39 -4.14 19.90
N GLN I 460 -4.41 -5.48 20.06
CA GLN I 460 -3.38 -6.36 19.47
C GLN I 460 -3.45 -6.38 17.95
N THR I 461 -4.66 -6.39 17.40
CA THR I 461 -4.82 -6.39 15.95
C THR I 461 -4.26 -5.11 15.36
N LEU I 462 -4.55 -3.98 16.01
CA LEU I 462 -4.03 -2.72 15.53
C LEU I 462 -2.51 -2.69 15.63
N GLN I 463 -1.96 -3.26 16.70
CA GLN I 463 -0.51 -3.31 16.85
C GLN I 463 0.13 -4.12 15.73
N ASN I 464 -0.51 -5.19 15.31
CA ASN I 464 0.06 -5.99 14.25
C ASN I 464 0.19 -5.14 12.98
N ALA I 465 -0.78 -4.27 12.75
CA ALA I 465 -0.75 -3.42 11.57
C ALA I 465 0.50 -2.53 11.61
N GLU I 466 0.86 -2.09 12.82
CA GLU I 466 2.05 -1.26 12.97
C GLU I 466 3.31 -2.07 12.69
N ASP I 467 3.35 -3.30 13.17
CA ASP I 467 4.52 -4.15 12.95
C ASP I 467 4.77 -4.39 11.46
N TYR I 468 3.70 -4.52 10.68
CA TYR I 468 3.83 -4.74 9.24
C TYR I 468 4.27 -3.49 8.50
N ILE I 469 3.76 -2.33 8.86
CA ILE I 469 4.20 -1.12 8.18
C ILE I 469 5.67 -0.85 8.48
N GLU I 470 6.09 -1.04 9.71
CA GLU I 470 7.49 -0.82 10.04
C GLU I 470 8.40 -1.68 9.17
N LYS I 471 8.01 -2.95 8.96
CA LYS I 471 8.82 -3.83 8.14
C LYS I 471 8.83 -3.36 6.67
N SER I 472 7.70 -2.81 6.21
CA SER I 472 7.61 -2.31 4.85
C SER I 472 8.65 -1.21 4.62
N GLU I 473 8.74 -0.29 5.57
CA GLU I 473 9.68 0.81 5.47
C GLU I 473 11.13 0.33 5.43
N GLU I 474 11.45 -0.70 6.22
CA GLU I 474 12.81 -1.21 6.23
C GLU I 474 13.23 -1.71 4.86
N PHE I 475 12.32 -2.38 4.16
CA PHE I 475 12.65 -2.89 2.85
C PHE I 475 12.85 -1.77 1.83
N LEU I 476 12.05 -0.72 1.92
CA LEU I 476 12.16 0.39 0.98
C LEU I 476 13.52 1.08 1.05
N LYS I 477 14.14 1.12 2.23
CA LYS I 477 15.44 1.77 2.33
C LYS I 477 16.51 1.09 1.48
N GLY I 478 16.29 -0.17 1.11
CA GLY I 478 17.26 -0.94 0.36
C GLY I 478 17.25 -0.60 -1.13
N ILE I 479 16.30 0.25 -1.54
CA ILE I 479 16.17 0.65 -2.93
C ILE I 479 17.22 1.67 -3.34
N ASN I 480 17.49 2.66 -2.48
CA ASN I 480 18.47 3.69 -2.83
C ASN I 480 19.82 3.11 -3.33
N PRO I 481 20.48 2.12 -2.64
CA PRO I 481 21.65 1.38 -3.11
C PRO I 481 21.42 0.77 -4.49
C1 NAG J . -17.63 14.54 11.17
C2 NAG J . -18.69 15.68 11.50
C3 NAG J . -20.12 15.10 11.29
C4 NAG J . -20.23 14.62 9.80
C5 NAG J . -19.16 13.52 9.53
C6 NAG J . -19.20 13.05 8.08
C7 NAG J . -18.43 17.37 13.31
C8 NAG J . -18.23 17.72 14.76
N2 NAG J . -18.51 16.07 12.92
O3 NAG J . -21.08 16.13 11.51
O4 NAG J . -21.54 14.08 9.58
O5 NAG J . -17.82 14.08 9.79
O6 NAG J . -18.39 11.91 7.88
O7 NAG J . -18.52 18.29 12.47
C1 NAG K . -22.09 -8.13 9.64
C2 NAG K . -23.38 -8.99 10.00
C3 NAG K . -23.19 -9.59 11.41
C4 NAG K . -21.89 -10.46 11.42
C5 NAG K . -20.67 -9.57 11.04
C6 NAG K . -19.38 -10.39 10.97
C7 NAG K . -25.70 -8.40 9.33
C8 NAG K . -26.86 -7.43 9.33
N2 NAG K . -24.55 -8.08 9.98
O3 NAG K . -24.31 -10.42 11.73
O4 NAG K . -21.70 -11.02 12.72
O5 NAG K . -20.90 -8.98 9.71
O6 NAG K . -18.25 -9.57 10.85
O7 NAG K . -25.82 -9.48 8.74
C1 NAG L . -6.24 -0.43 24.66
C2 NAG L . -6.19 -0.42 26.24
C3 NAG L . -6.66 0.98 26.74
C4 NAG L . -5.73 2.07 26.12
C5 NAG L . -5.79 1.98 24.56
C6 NAG L . -4.85 2.99 23.91
C7 NAG L . -6.76 -2.36 27.70
C8 NAG L . -7.73 -3.43 28.15
N2 NAG L . -7.11 -1.47 26.74
O3 NAG L . -6.58 1.04 28.16
O4 NAG L . -6.14 3.36 26.55
O5 NAG L . -5.38 0.64 24.12
O6 NAG L . -5.06 3.08 22.52
O7 NAG L . -5.63 -2.31 28.20
#